data_9NZ3
#
_entry.id   9NZ3
#
_cell.length_a   1.00
_cell.length_b   1.00
_cell.length_c   1.00
_cell.angle_alpha   90.00
_cell.angle_beta   90.00
_cell.angle_gamma   90.00
#
_symmetry.space_group_name_H-M   'P 1'
#
loop_
_entity.id
_entity.type
_entity.pdbx_description
1 polymer 'Membrane protein'
2 polymer 'FAb B light chain'
3 polymer 'FAb B heavy chain'
4 non-polymer (6S,8R)-N-(3-cyanophenyl)-5-{4-[difluoro(phenyl)methyl]phenyl}-6-methyl-4-oxo-4,5,6,7-tetrahydropyrazolo[1,5-a]pyrazine-3-carboxamide
5 water water
#
loop_
_entity_poly.entity_id
_entity_poly.type
_entity_poly.pdbx_seq_one_letter_code
_entity_poly.pdbx_strand_id
1 'polypeptide(L)'
;MADNGTITVEELKQLLEQWNLVIGFLFLAWIMLLQFAYSNRNRFLYIIKLVFLWLLWPVTLACFVLAAVYRINWVTGGIA
IAMACIVGLMWLSYFVASFRLFARTRSMWSFNPETNILLNVPLRGTIVTRPLMESELVIGAVIIRGHLRMAGHSLGRCDI
KDLPKEITVATSRTLSYYKLGASQRVGTDSGFAAYNRYRIGNYKLNTDHAGSNDNIALLVQSNSLEVLFQGPSRGGSGAA
AGSGSGSGSPSRLEEELRRRLTEGSEPEA
;
A,B
2 'polypeptide(L)'
;ASDIVMTQSPASLAVSLGQRATISCKASQSIDYDGDNYMNWYQQKPGQPPKLLIYTTSNLESGIPARFSGSGSGTDFTLN
IHPVEEGDAATYYCQQNNEDPYTFGGGTKLEIKRADAAPTVSIFPPSSEQLTSGGASVVCFLNNFYPKDINVKWKIDGSE
RQNGVLNSWTDQDSKDSTYSMSSTLTLTKDEYERHNSYTCEATHKTSTSPIVKSFNRNEC
;
C,E
3 'polypeptide(L)'
;EVQLQQSGPELVKPGASMKISCKTSGYSFTGYTMNWVKQSHGKNLEWIGLINPYNGDTSYNQKFKGKATLTVDKSSSTAY
MELLSLTSEDSAVYYCEVINTYWGQGTLVTVSAAKTTPPSVYPLAPGSAAQTNSMVTLGCLVKGYFPEPVTVTWNSGSLS
SGVHTFPAVLQSDLYTLSSSVTVPSSTWPSETVTCNVAHPASSTKVDKKIVPRDCGSGSHHHHHH
;
D,F
#
loop_
_chem_comp.id
_chem_comp.type
_chem_comp.name
_chem_comp.formula
A1AE8 non-polymer (6S,8R)-N-(3-cyanophenyl)-5-{4-[difluoro(phenyl)methyl]phenyl}-6-methyl-4-oxo-4,5,6,7-tetrahydropyrazolo[1,5-a]pyrazine-3-carboxamide 'C28 H21 F2 N5 O2'
#
# COMPACT_ATOMS: atom_id res chain seq x y z
N GLN A 18 2.38 -4.77 -69.81
CA GLN A 18 1.74 -4.87 -68.51
C GLN A 18 1.19 -6.28 -68.27
N TRP A 19 1.04 -6.65 -67.01
CA TRP A 19 0.49 -7.94 -66.63
C TRP A 19 -0.35 -7.78 -65.38
N ASN A 20 -1.49 -8.47 -65.33
CA ASN A 20 -2.35 -8.41 -64.16
C ASN A 20 -1.99 -9.49 -63.14
N LEU A 21 -0.71 -9.59 -62.83
CA LEU A 21 -0.23 -10.44 -61.75
C LEU A 21 0.69 -9.71 -60.79
N VAL A 22 1.58 -8.86 -61.30
CA VAL A 22 2.50 -8.13 -60.43
C VAL A 22 1.75 -7.07 -59.63
N ILE A 23 0.74 -6.44 -60.24
CA ILE A 23 -0.12 -5.51 -59.51
C ILE A 23 -0.81 -6.24 -58.37
N GLY A 24 -1.24 -7.47 -58.61
CA GLY A 24 -1.85 -8.26 -57.55
C GLY A 24 -0.90 -8.51 -56.40
N PHE A 25 0.36 -8.79 -56.70
CA PHE A 25 1.32 -9.02 -55.63
C PHE A 25 1.65 -7.75 -54.87
N LEU A 26 1.64 -6.59 -55.54
CA LEU A 26 1.76 -5.33 -54.81
C LEU A 26 0.58 -5.11 -53.88
N PHE A 27 -0.64 -5.28 -54.40
CA PHE A 27 -1.85 -5.10 -53.61
C PHE A 27 -1.95 -6.12 -52.48
N LEU A 28 -1.29 -7.27 -52.61
CA LEU A 28 -1.25 -8.26 -51.55
C LEU A 28 -0.16 -7.99 -50.52
N ALA A 29 0.98 -7.46 -50.95
CA ALA A 29 2.01 -7.06 -50.01
C ALA A 29 1.61 -5.83 -49.21
N TRP A 30 0.62 -5.08 -49.66
CA TRP A 30 0.18 -3.93 -48.87
C TRP A 30 -0.66 -4.32 -47.66
N ILE A 31 -1.54 -5.31 -47.78
CA ILE A 31 -2.32 -5.76 -46.64
C ILE A 31 -1.40 -6.31 -45.55
N MET A 32 -0.40 -7.09 -45.93
CA MET A 32 0.58 -7.65 -44.99
C MET A 32 1.41 -6.59 -44.31
N LEU A 33 1.59 -5.42 -44.91
CA LEU A 33 2.28 -4.32 -44.26
C LEU A 33 1.38 -3.50 -43.35
N LEU A 34 0.09 -3.41 -43.69
CA LEU A 34 -0.85 -2.71 -42.81
C LEU A 34 -1.31 -3.57 -41.64
N GLN A 35 -1.15 -4.88 -41.69
CA GLN A 35 -1.63 -5.74 -40.62
C GLN A 35 -0.56 -6.03 -39.57
N PHE A 36 0.56 -6.63 -39.98
CA PHE A 36 1.53 -7.17 -39.04
C PHE A 36 2.65 -6.18 -38.69
N ALA A 37 2.97 -5.26 -39.59
CA ALA A 37 4.05 -4.33 -39.33
C ALA A 37 3.75 -3.38 -38.18
N TYR A 38 2.47 -3.19 -37.85
CA TYR A 38 2.08 -2.25 -36.81
C TYR A 38 2.17 -2.91 -35.44
N SER A 39 3.32 -3.51 -35.14
CA SER A 39 3.58 -4.15 -33.87
C SER A 39 5.07 -4.21 -33.65
N ASN A 40 5.51 -3.95 -32.42
CA ASN A 40 6.91 -4.03 -32.06
C ASN A 40 7.23 -5.24 -31.19
N ARG A 41 6.30 -6.19 -31.10
CA ARG A 41 6.39 -7.31 -30.16
C ARG A 41 7.23 -8.47 -30.69
N ASN A 42 8.03 -8.24 -31.72
CA ASN A 42 8.98 -9.23 -32.20
C ASN A 42 10.18 -8.48 -32.74
N ARG A 43 11.36 -8.74 -32.19
CA ARG A 43 12.56 -8.06 -32.67
C ARG A 43 12.74 -8.31 -34.15
N PHE A 44 13.08 -9.55 -34.52
CA PHE A 44 13.41 -9.85 -35.92
C PHE A 44 12.17 -10.03 -36.79
N LEU A 45 11.27 -9.06 -36.68
CA LEU A 45 10.16 -8.87 -37.60
C LEU A 45 9.96 -7.42 -38.00
N TYR A 46 10.49 -6.46 -37.22
CA TYR A 46 10.14 -5.05 -37.34
C TYR A 46 11.31 -4.19 -37.79
N ILE A 47 12.56 -4.64 -37.62
CA ILE A 47 13.67 -3.91 -38.23
C ILE A 47 13.60 -4.00 -39.74
N ILE A 48 13.02 -5.07 -40.28
CA ILE A 48 12.85 -5.15 -41.74
C ILE A 48 11.91 -4.06 -42.23
N LYS A 49 10.81 -3.83 -41.51
CA LYS A 49 9.91 -2.73 -41.86
C LYS A 49 10.60 -1.38 -41.68
N LEU A 50 11.41 -1.24 -40.63
CA LEU A 50 12.19 -0.01 -40.46
C LEU A 50 13.10 0.21 -41.66
N VAL A 51 13.76 -0.84 -42.14
CA VAL A 51 14.66 -0.72 -43.29
C VAL A 51 13.90 -0.36 -44.55
N PHE A 52 12.72 -0.96 -44.75
CA PHE A 52 11.90 -0.64 -45.92
C PHE A 52 11.49 0.84 -45.92
N LEU A 53 10.99 1.31 -44.78
CA LEU A 53 10.61 2.73 -44.67
C LEU A 53 11.82 3.64 -44.82
N TRP A 54 12.99 3.19 -44.36
CA TRP A 54 14.21 3.95 -44.53
C TRP A 54 14.56 4.10 -46.01
N LEU A 55 14.47 3.01 -46.76
CA LEU A 55 14.85 3.01 -48.17
C LEU A 55 13.83 3.70 -49.07
N LEU A 56 12.59 3.87 -48.60
CA LEU A 56 11.60 4.55 -49.44
C LEU A 56 11.90 6.02 -49.69
N TRP A 57 12.83 6.63 -48.95
CA TRP A 57 13.03 8.08 -49.04
C TRP A 57 13.84 8.51 -50.27
N PRO A 58 14.99 7.91 -50.57
CA PRO A 58 15.71 8.34 -51.78
C PRO A 58 15.05 7.91 -53.07
N VAL A 59 14.27 6.83 -53.04
CA VAL A 59 13.56 6.37 -54.23
C VAL A 59 12.59 7.43 -54.73
N THR A 60 11.84 8.05 -53.81
CA THR A 60 10.88 9.08 -54.20
C THR A 60 11.57 10.30 -54.79
N LEU A 61 12.66 10.76 -54.18
CA LEU A 61 13.37 11.92 -54.71
C LEU A 61 13.97 11.62 -56.07
N ALA A 62 14.52 10.41 -56.25
CA ALA A 62 15.04 10.03 -57.56
C ALA A 62 13.95 9.96 -58.61
N CYS A 63 12.78 9.44 -58.24
CA CYS A 63 11.66 9.42 -59.18
C CYS A 63 11.21 10.82 -59.55
N PHE A 64 11.15 11.73 -58.57
CA PHE A 64 10.68 13.08 -58.84
C PHE A 64 11.67 13.85 -59.71
N VAL A 65 12.98 13.69 -59.45
CA VAL A 65 13.95 14.38 -60.27
C VAL A 65 14.03 13.79 -61.67
N LEU A 66 13.55 12.55 -61.86
CA LEU A 66 13.51 11.94 -63.17
C LEU A 66 12.27 12.35 -63.97
N ALA A 67 11.48 13.29 -63.45
CA ALA A 67 10.38 13.87 -64.20
C ALA A 67 10.61 15.32 -64.59
N ALA A 68 11.53 16.01 -63.92
CA ALA A 68 11.83 17.40 -64.24
C ALA A 68 12.83 17.55 -65.38
N VAL A 69 13.45 16.46 -65.83
CA VAL A 69 14.33 16.53 -66.99
C VAL A 69 13.57 16.31 -68.29
N TYR A 70 12.48 15.54 -68.25
CA TYR A 70 11.57 15.43 -69.39
C TYR A 70 10.39 16.37 -69.21
N ARG A 71 10.71 17.67 -69.09
CA ARG A 71 9.71 18.69 -68.76
C ARG A 71 8.89 19.06 -69.99
N ILE A 72 8.20 18.07 -70.53
CA ILE A 72 7.28 18.27 -71.65
C ILE A 72 5.87 18.49 -71.08
N ASN A 73 5.09 19.31 -71.79
CA ASN A 73 3.72 19.66 -71.44
C ASN A 73 3.67 20.54 -70.19
N TRP A 74 4.82 20.79 -69.58
CA TRP A 74 4.99 21.71 -68.45
C TRP A 74 4.36 21.14 -67.17
N VAL A 75 3.61 20.05 -67.28
CA VAL A 75 3.14 19.37 -66.09
C VAL A 75 4.28 18.60 -65.44
N THR A 76 5.32 18.30 -66.22
CA THR A 76 6.56 17.73 -65.72
C THR A 76 7.62 18.80 -65.45
N GLY A 77 7.21 20.05 -65.28
CA GLY A 77 8.15 21.14 -65.13
C GLY A 77 8.17 21.75 -63.73
N GLY A 78 7.48 22.87 -63.56
CA GLY A 78 7.54 23.62 -62.32
C GLY A 78 6.76 22.98 -61.17
N ILE A 79 6.21 21.80 -61.40
CA ILE A 79 5.53 21.03 -60.36
C ILE A 79 6.44 19.96 -59.79
N ALA A 80 7.15 19.23 -60.66
CA ALA A 80 8.11 18.24 -60.22
C ALA A 80 9.43 18.86 -59.77
N ILE A 81 9.46 20.19 -59.59
CA ILE A 81 10.63 20.88 -59.07
C ILE A 81 10.41 21.34 -57.64
N ALA A 82 9.24 21.88 -57.33
CA ALA A 82 8.95 22.31 -55.97
C ALA A 82 8.89 21.11 -55.03
N MET A 83 8.18 20.06 -55.41
CA MET A 83 8.09 18.87 -54.57
C MET A 83 9.43 18.18 -54.43
N ALA A 84 10.25 18.21 -55.49
CA ALA A 84 11.61 17.70 -55.35
C ALA A 84 12.37 18.48 -54.29
N CYS A 85 12.21 19.81 -54.28
CA CYS A 85 12.85 20.62 -53.24
C CYS A 85 12.37 20.23 -51.86
N ILE A 86 11.06 20.07 -51.69
CA ILE A 86 10.52 19.77 -50.36
C ILE A 86 11.02 18.41 -49.86
N VAL A 87 10.96 17.39 -50.72
CA VAL A 87 11.33 16.05 -50.30
C VAL A 87 12.83 15.89 -50.14
N GLY A 88 13.64 16.63 -50.92
CA GLY A 88 15.07 16.62 -50.68
C GLY A 88 15.51 17.52 -49.55
N LEU A 89 14.65 18.42 -49.09
CA LEU A 89 14.93 19.28 -47.96
C LEU A 89 14.62 18.60 -46.63
N MET A 90 13.41 18.04 -46.51
CA MET A 90 13.03 17.41 -45.24
C MET A 90 13.89 16.19 -44.93
N TRP A 91 14.31 15.46 -45.96
CA TRP A 91 15.14 14.28 -45.74
C TRP A 91 16.45 14.64 -45.06
N LEU A 92 17.11 15.68 -45.56
CA LEU A 92 18.34 16.15 -44.92
C LEU A 92 18.05 16.73 -43.54
N SER A 93 16.95 17.49 -43.42
CA SER A 93 16.60 18.11 -42.16
C SER A 93 16.36 17.09 -41.06
N TYR A 94 15.98 15.86 -41.43
CA TYR A 94 15.80 14.81 -40.43
C TYR A 94 17.00 13.88 -40.30
N PHE A 95 17.77 13.69 -41.37
CA PHE A 95 19.02 12.93 -41.23
C PHE A 95 19.99 13.64 -40.31
N VAL A 96 20.00 14.97 -40.34
CA VAL A 96 20.84 15.74 -39.42
C VAL A 96 20.47 15.41 -37.98
N ALA A 97 19.17 15.41 -37.67
CA ALA A 97 18.72 15.12 -36.32
C ALA A 97 19.03 13.69 -35.93
N SER A 98 18.89 12.74 -36.87
CA SER A 98 19.21 11.35 -36.55
C SER A 98 20.68 11.18 -36.21
N PHE A 99 21.56 11.82 -36.97
CA PHE A 99 22.98 11.74 -36.64
C PHE A 99 23.30 12.43 -35.32
N ARG A 100 22.62 13.54 -35.02
CA ARG A 100 22.82 14.20 -33.75
C ARG A 100 22.37 13.32 -32.58
N LEU A 101 21.29 12.57 -32.78
CA LEU A 101 20.88 11.60 -31.76
C LEU A 101 21.90 10.48 -31.62
N PHE A 102 22.48 10.03 -32.73
CA PHE A 102 23.56 9.05 -32.66
C PHE A 102 24.75 9.59 -31.88
N ALA A 103 24.99 10.90 -31.95
CA ALA A 103 26.17 11.48 -31.31
C ALA A 103 26.15 11.25 -29.80
N ARG A 104 25.06 11.65 -29.13
CA ARG A 104 24.96 11.48 -27.69
C ARG A 104 24.95 10.03 -27.27
N THR A 105 23.90 9.30 -27.65
CA THR A 105 23.78 7.88 -27.32
C THR A 105 24.35 7.08 -28.48
N ARG A 106 25.54 6.50 -28.27
CA ARG A 106 26.24 5.82 -29.35
C ARG A 106 25.58 4.49 -29.67
N SER A 107 24.37 4.54 -30.22
CA SER A 107 23.58 3.37 -30.54
C SER A 107 23.15 3.45 -31.99
N MET A 108 23.01 2.27 -32.62
CA MET A 108 22.55 2.18 -34.00
C MET A 108 21.03 2.29 -34.12
N TRP A 109 20.33 2.56 -33.01
CA TRP A 109 18.90 2.75 -33.02
C TRP A 109 18.49 4.17 -33.37
N SER A 110 19.43 5.11 -33.37
CA SER A 110 19.13 6.50 -33.67
C SER A 110 18.88 6.74 -35.15
N PHE A 111 19.05 5.72 -35.99
CA PHE A 111 18.87 5.86 -37.43
C PHE A 111 17.54 5.28 -37.91
N ASN A 112 16.61 4.99 -37.00
CA ASN A 112 15.27 4.63 -37.42
C ASN A 112 14.56 5.87 -37.97
N PRO A 113 13.76 5.71 -39.02
CA PRO A 113 13.17 6.88 -39.68
C PRO A 113 11.88 7.36 -39.04
N GLU A 114 11.59 6.92 -37.81
CA GLU A 114 10.31 7.20 -37.17
C GLU A 114 10.39 8.29 -36.11
N THR A 115 11.25 8.11 -35.10
CA THR A 115 11.28 8.99 -33.94
C THR A 115 12.72 9.42 -33.65
N ASN A 116 12.87 10.27 -32.64
CA ASN A 116 14.16 10.72 -32.16
C ASN A 116 14.21 10.68 -30.65
N ILE A 117 13.59 9.66 -30.06
CA ILE A 117 13.59 9.44 -28.61
C ILE A 117 13.88 7.97 -28.36
N LEU A 118 14.71 7.68 -27.35
CA LEU A 118 15.12 6.32 -27.06
C LEU A 118 14.85 6.00 -25.60
N LEU A 119 14.62 4.71 -25.33
CA LEU A 119 14.33 4.19 -24.00
C LEU A 119 15.31 3.08 -23.69
N ASN A 120 15.91 3.13 -22.49
CA ASN A 120 16.93 2.17 -22.10
C ASN A 120 16.47 1.39 -20.87
N VAL A 121 16.63 0.07 -20.91
CA VAL A 121 16.17 -0.83 -19.86
C VAL A 121 17.29 -1.80 -19.50
N PRO A 122 17.88 -1.71 -18.30
CA PRO A 122 18.89 -2.71 -17.89
C PRO A 122 18.25 -4.08 -17.67
N LEU A 123 18.73 -5.08 -18.39
CA LEU A 123 18.20 -6.43 -18.29
C LEU A 123 19.31 -7.46 -18.47
N ARG A 124 19.29 -8.49 -17.63
CA ARG A 124 20.12 -9.69 -17.78
C ARG A 124 21.58 -9.33 -18.00
N GLY A 125 22.07 -8.37 -17.24
CA GLY A 125 23.45 -7.92 -17.36
C GLY A 125 23.67 -6.76 -18.31
N THR A 126 23.09 -6.82 -19.50
CA THR A 126 23.29 -5.80 -20.51
C THR A 126 22.16 -4.78 -20.45
N ILE A 127 22.09 -3.91 -21.46
CA ILE A 127 21.08 -2.86 -21.54
C ILE A 127 20.35 -2.98 -22.88
N VAL A 128 19.03 -2.95 -22.84
CA VAL A 128 18.18 -3.08 -24.02
C VAL A 128 17.64 -1.71 -24.38
N THR A 129 17.90 -1.26 -25.61
CA THR A 129 17.50 0.06 -26.07
C THR A 129 16.47 -0.07 -27.19
N ARG A 130 15.42 0.74 -27.12
CA ARG A 130 14.38 0.73 -28.13
C ARG A 130 13.93 2.15 -28.42
N PRO A 131 13.30 2.38 -29.58
CA PRO A 131 12.76 3.72 -29.87
C PRO A 131 11.43 3.96 -29.18
N LEU A 132 11.21 5.21 -28.77
CA LEU A 132 10.02 5.64 -28.03
C LEU A 132 9.39 6.83 -28.75
N MET A 133 8.09 7.03 -28.50
CA MET A 133 7.32 8.03 -29.22
C MET A 133 6.69 9.10 -28.35
N GLU A 134 6.73 8.99 -27.02
CA GLU A 134 5.92 9.83 -26.15
C GLU A 134 6.74 10.79 -25.30
N SER A 135 7.68 10.29 -24.49
CA SER A 135 8.38 11.08 -23.46
C SER A 135 7.38 11.79 -22.55
N GLU A 136 6.60 10.98 -21.82
CA GLU A 136 5.57 11.46 -20.92
C GLU A 136 6.08 11.45 -19.48
N LEU A 137 5.17 11.70 -18.53
CA LEU A 137 5.53 11.79 -17.13
C LEU A 137 5.43 10.45 -16.40
N VAL A 138 4.57 9.54 -16.85
CA VAL A 138 4.40 8.23 -16.24
C VAL A 138 4.54 7.17 -17.32
N ILE A 139 5.28 6.10 -17.01
CA ILE A 139 5.46 4.99 -17.94
C ILE A 139 5.00 3.70 -17.25
N GLY A 140 4.16 2.94 -17.93
CA GLY A 140 3.63 1.70 -17.39
C GLY A 140 4.42 0.49 -17.87
N ALA A 141 4.45 -0.54 -17.03
CA ALA A 141 5.19 -1.77 -17.34
C ALA A 141 4.35 -2.96 -16.96
N VAL A 142 4.25 -3.95 -17.85
CA VAL A 142 3.45 -5.14 -17.63
C VAL A 142 4.29 -6.37 -17.90
N ILE A 143 4.31 -7.30 -16.95
CA ILE A 143 4.98 -8.59 -17.10
C ILE A 143 3.90 -9.65 -17.21
N ILE A 144 3.79 -10.26 -18.38
CA ILE A 144 2.77 -11.27 -18.66
C ILE A 144 3.47 -12.61 -18.82
N ARG A 145 3.13 -13.55 -17.95
CA ARG A 145 3.59 -14.94 -18.03
C ARG A 145 5.10 -15.06 -17.84
N GLY A 146 5.79 -13.94 -17.69
CA GLY A 146 7.23 -13.96 -17.56
C GLY A 146 7.96 -13.09 -18.54
N HIS A 147 7.24 -12.49 -19.49
CA HIS A 147 7.83 -11.59 -20.47
C HIS A 147 7.39 -10.16 -20.23
N LEU A 148 8.34 -9.24 -20.44
CA LEU A 148 8.12 -7.82 -20.16
C LEU A 148 7.69 -7.09 -21.44
N ARG A 149 6.70 -6.21 -21.30
CA ARG A 149 6.18 -5.41 -22.42
C ARG A 149 5.92 -4.00 -21.92
N MET A 150 6.91 -3.11 -22.09
CA MET A 150 6.84 -1.80 -21.45
C MET A 150 6.01 -0.77 -22.21
N ALA A 151 6.46 -0.38 -23.40
CA ALA A 151 5.91 0.80 -24.07
C ALA A 151 5.55 0.48 -25.51
N GLY A 152 4.80 -0.61 -25.67
CA GLY A 152 4.57 -1.16 -26.99
C GLY A 152 5.84 -1.77 -27.54
N HIS A 153 6.51 -2.55 -26.70
CA HIS A 153 7.78 -3.17 -27.03
C HIS A 153 7.98 -4.44 -26.21
N SER A 154 8.07 -5.60 -26.86
CA SER A 154 8.45 -6.81 -26.14
C SER A 154 9.95 -6.79 -25.87
N LEU A 155 10.32 -6.86 -24.59
CA LEU A 155 11.70 -6.62 -24.19
C LEU A 155 12.37 -7.84 -23.56
N GLY A 156 11.86 -9.04 -23.81
CA GLY A 156 12.57 -10.26 -23.47
C GLY A 156 11.89 -10.99 -22.30
N ARG A 157 12.73 -11.44 -21.36
CA ARG A 157 12.29 -12.29 -20.27
C ARG A 157 12.67 -11.67 -18.94
N CYS A 158 11.72 -11.59 -18.02
CA CYS A 158 11.97 -11.00 -16.71
C CYS A 158 10.90 -11.48 -15.73
N ASP A 159 11.35 -11.95 -14.56
CA ASP A 159 10.46 -12.23 -13.44
C ASP A 159 10.17 -10.91 -12.75
N ILE A 160 9.61 -10.95 -11.54
CA ILE A 160 9.47 -9.70 -10.80
C ILE A 160 10.79 -9.46 -10.09
N LYS A 161 11.75 -8.95 -10.86
CA LYS A 161 13.06 -8.50 -10.39
C LYS A 161 13.44 -7.24 -11.15
N ASP A 162 12.46 -6.37 -11.37
CA ASP A 162 12.63 -5.21 -12.21
C ASP A 162 13.69 -4.28 -11.63
N LEU A 163 14.07 -3.31 -12.43
CA LEU A 163 14.99 -2.21 -12.14
C LEU A 163 14.27 -1.09 -11.40
N PRO A 164 14.88 -0.52 -10.36
CA PRO A 164 14.35 0.71 -9.77
C PRO A 164 14.74 2.00 -10.48
N LYS A 165 15.33 1.95 -11.68
CA LYS A 165 15.58 3.19 -12.43
C LYS A 165 15.84 2.88 -13.90
N GLU A 166 15.04 3.46 -14.78
CA GLU A 166 15.25 3.43 -16.22
C GLU A 166 15.43 4.86 -16.73
N ILE A 167 15.80 4.99 -18.00
CA ILE A 167 16.11 6.30 -18.57
C ILE A 167 15.49 6.44 -19.96
N THR A 168 15.14 7.68 -20.28
CA THR A 168 14.66 8.05 -21.61
C THR A 168 15.48 9.22 -22.10
N VAL A 169 16.02 9.12 -23.31
CA VAL A 169 16.98 10.07 -23.84
C VAL A 169 16.48 10.63 -25.16
N ALA A 170 16.58 11.94 -25.32
CA ALA A 170 16.28 12.61 -26.59
C ALA A 170 17.30 13.72 -26.75
N THR A 171 18.05 13.69 -27.86
CA THR A 171 19.10 14.66 -28.15
C THR A 171 18.66 16.07 -27.80
N SER A 172 19.59 16.90 -27.28
CA SER A 172 19.23 18.23 -26.81
C SER A 172 18.20 18.16 -25.69
N ARG A 173 18.67 17.79 -24.49
CA ARG A 173 17.91 17.79 -23.23
C ARG A 173 17.36 16.39 -22.98
N THR A 174 16.25 16.30 -22.25
CA THR A 174 15.53 15.05 -22.02
C THR A 174 16.45 13.86 -21.75
N LEU A 175 17.37 13.99 -20.79
CA LEU A 175 17.92 12.81 -20.15
C LEU A 175 17.07 12.65 -18.89
N SER A 176 15.95 11.94 -19.04
CA SER A 176 14.96 11.85 -17.98
C SER A 176 15.12 10.51 -17.27
N TYR A 177 15.31 10.57 -15.96
CA TYR A 177 15.43 9.39 -15.11
C TYR A 177 14.11 9.14 -14.42
N TYR A 178 13.58 7.93 -14.60
CA TYR A 178 12.34 7.47 -14.01
C TYR A 178 12.67 6.62 -12.79
N LYS A 179 11.64 6.06 -12.15
CA LYS A 179 11.84 5.44 -10.85
C LYS A 179 10.69 4.49 -10.57
N LEU A 180 11.01 3.30 -10.05
CA LEU A 180 9.99 2.33 -9.70
C LEU A 180 9.13 2.87 -8.56
N GLY A 181 7.91 3.28 -8.87
CA GLY A 181 7.06 3.92 -7.90
C GLY A 181 6.07 2.97 -7.23
N ALA A 182 5.63 1.95 -7.95
CA ALA A 182 4.68 1.00 -7.41
C ALA A 182 4.70 -0.26 -8.27
N SER A 183 4.88 -1.41 -7.63
CA SER A 183 4.86 -2.70 -8.30
C SER A 183 3.89 -3.61 -7.57
N GLN A 184 3.36 -4.58 -8.30
CA GLN A 184 2.46 -5.54 -7.71
C GLN A 184 2.47 -6.82 -8.52
N ARG A 185 2.11 -7.91 -7.86
CA ARG A 185 2.14 -9.25 -8.40
C ARG A 185 0.74 -9.80 -8.56
N VAL A 186 0.45 -10.35 -9.74
CA VAL A 186 -0.83 -10.98 -10.01
C VAL A 186 -0.55 -12.48 -10.15
N GLY A 187 -1.59 -13.27 -10.43
CA GLY A 187 -1.52 -14.71 -10.20
C GLY A 187 -0.38 -15.48 -10.83
N THR A 188 0.58 -15.85 -9.99
CA THR A 188 1.54 -16.93 -10.19
C THR A 188 2.61 -16.67 -11.26
N ASP A 189 2.43 -15.70 -12.14
CA ASP A 189 3.51 -15.42 -13.08
C ASP A 189 3.66 -13.95 -13.46
N SER A 190 2.62 -13.15 -13.23
CA SER A 190 2.48 -11.85 -13.88
C SER A 190 2.60 -10.73 -12.86
N GLY A 191 2.64 -9.50 -13.37
CA GLY A 191 2.70 -8.35 -12.49
C GLY A 191 2.66 -7.07 -13.28
N PHE A 192 2.53 -5.97 -12.54
CA PHE A 192 2.53 -4.64 -13.15
C PHE A 192 3.38 -3.69 -12.32
N ALA A 193 3.83 -2.62 -12.97
CA ALA A 193 4.65 -1.63 -12.29
C ALA A 193 4.49 -0.28 -12.99
N ALA A 194 4.78 0.78 -12.23
CA ALA A 194 4.69 2.13 -12.74
C ALA A 194 6.01 2.85 -12.50
N TYR A 195 6.46 3.61 -13.48
CA TYR A 195 7.68 4.39 -13.40
C TYR A 195 7.29 5.86 -13.47
N ASN A 196 7.45 6.56 -12.36
CA ASN A 196 7.16 7.98 -12.27
C ASN A 196 8.45 8.76 -12.44
N ARG A 197 8.45 9.70 -13.37
CA ARG A 197 9.64 10.49 -13.64
C ARG A 197 10.03 11.28 -12.41
N TYR A 198 11.26 11.08 -11.94
CA TYR A 198 11.75 11.80 -10.77
C TYR A 198 12.89 12.76 -11.06
N ARG A 199 13.58 12.62 -12.19
CA ARG A 199 14.69 13.52 -12.46
C ARG A 199 14.72 13.88 -13.95
N ILE A 200 15.14 15.12 -14.21
CA ILE A 200 15.36 15.66 -15.55
C ILE A 200 16.80 16.14 -15.67
N GLY A 201 17.41 15.88 -16.81
CA GLY A 201 18.74 16.37 -17.07
C GLY A 201 18.91 16.99 -18.44
N ASN A 202 19.39 18.24 -18.45
CA ASN A 202 19.74 18.95 -19.66
C ASN A 202 21.17 18.61 -20.08
N TYR A 203 21.49 18.94 -21.33
CA TYR A 203 22.81 18.63 -21.87
C TYR A 203 23.67 19.88 -21.95
N GLN B 18 8.55 7.93 -69.77
CA GLN B 18 7.35 7.58 -69.02
C GLN B 18 6.94 8.75 -68.11
N TRP B 19 5.71 8.69 -67.61
CA TRP B 19 5.18 9.72 -66.71
C TRP B 19 5.73 9.47 -65.32
N ASN B 20 6.86 10.13 -65.02
CA ASN B 20 7.49 10.02 -63.71
C ASN B 20 6.93 11.02 -62.70
N LEU B 21 5.75 11.58 -62.98
CA LEU B 21 5.07 12.47 -62.04
C LEU B 21 3.99 11.76 -61.24
N VAL B 22 3.39 10.70 -61.79
CA VAL B 22 2.38 9.93 -61.08
C VAL B 22 3.00 8.87 -60.18
N ILE B 23 4.29 8.58 -60.33
CA ILE B 23 4.95 7.56 -59.52
C ILE B 23 5.48 8.14 -58.23
N GLY B 24 6.08 9.33 -58.27
CA GLY B 24 6.53 9.98 -57.05
C GLY B 24 5.37 10.31 -56.13
N PHE B 25 4.22 10.67 -56.70
CA PHE B 25 3.03 10.91 -55.91
C PHE B 25 2.53 9.64 -55.22
N LEU B 26 2.97 8.48 -55.67
CA LEU B 26 2.63 7.21 -55.04
C LEU B 26 3.57 6.87 -53.89
N PHE B 27 4.88 7.02 -54.12
CA PHE B 27 5.84 6.78 -53.06
C PHE B 27 5.71 7.79 -51.94
N LEU B 28 5.36 9.03 -52.25
CA LEU B 28 5.10 10.02 -51.21
C LEU B 28 3.92 9.61 -50.34
N ALA B 29 2.84 9.12 -50.95
CA ALA B 29 1.70 8.65 -50.16
C ALA B 29 2.09 7.44 -49.32
N TRP B 30 2.96 6.58 -49.85
CA TRP B 30 3.41 5.42 -49.09
C TRP B 30 4.23 5.84 -47.87
N ILE B 31 5.16 6.77 -48.05
CA ILE B 31 5.91 7.31 -46.92
C ILE B 31 4.98 8.03 -45.95
N MET B 32 3.88 8.60 -46.44
CA MET B 32 2.93 9.29 -45.57
C MET B 32 2.14 8.31 -44.71
N LEU B 33 1.69 7.20 -45.29
CA LEU B 33 0.86 6.26 -44.54
C LEU B 33 1.66 5.20 -43.79
N LEU B 34 2.95 5.04 -44.09
CA LEU B 34 3.80 4.17 -43.29
C LEU B 34 4.39 4.90 -42.08
N GLN B 35 3.88 6.08 -41.76
CA GLN B 35 4.43 6.91 -40.71
C GLN B 35 3.37 7.36 -39.70
N PHE B 36 2.15 7.65 -40.15
CA PHE B 36 1.13 8.23 -39.30
C PHE B 36 -0.05 7.29 -39.04
N ALA B 37 -0.01 6.07 -39.56
CA ALA B 37 -1.14 5.16 -39.46
C ALA B 37 -1.06 4.21 -38.27
N TYR B 38 -0.04 4.36 -37.41
CA TYR B 38 0.05 3.53 -36.22
C TYR B 38 -0.82 4.08 -35.10
N SER B 39 -0.79 5.39 -34.91
CA SER B 39 -1.44 5.99 -33.75
C SER B 39 -2.95 5.83 -33.84
N ASN B 40 -3.54 5.33 -32.76
CA ASN B 40 -4.98 5.29 -32.59
C ASN B 40 -5.49 6.40 -31.68
N ARG B 41 -4.70 7.47 -31.55
CA ARG B 41 -5.04 8.55 -30.62
C ARG B 41 -6.14 9.44 -31.18
N ASN B 42 -5.90 10.04 -32.35
CA ASN B 42 -6.92 10.88 -32.99
C ASN B 42 -7.96 9.98 -33.65
N ARG B 43 -9.22 10.11 -33.23
CA ARG B 43 -10.27 9.23 -33.73
C ARG B 43 -10.60 9.53 -35.19
N PHE B 44 -10.77 10.80 -35.54
CA PHE B 44 -11.08 11.20 -36.90
C PHE B 44 -9.88 11.12 -37.84
N LEU B 45 -8.77 10.59 -37.35
CA LEU B 45 -7.62 10.25 -38.17
C LEU B 45 -7.36 8.75 -38.22
N TYR B 46 -7.91 7.99 -37.26
CA TYR B 46 -7.76 6.54 -37.19
C TYR B 46 -8.93 5.80 -37.81
N ILE B 47 -10.11 6.43 -37.91
CA ILE B 47 -11.23 5.78 -38.56
C ILE B 47 -11.03 5.67 -40.07
N ILE B 48 -10.26 6.57 -40.68
CA ILE B 48 -10.03 6.52 -42.12
C ILE B 48 -9.16 5.34 -42.53
N LYS B 49 -8.14 5.02 -41.71
CA LYS B 49 -7.26 3.90 -42.04
C LYS B 49 -8.03 2.59 -42.09
N LEU B 50 -9.00 2.42 -41.19
CA LEU B 50 -9.81 1.21 -41.21
C LEU B 50 -10.59 1.08 -42.50
N VAL B 51 -11.14 2.19 -43.01
CA VAL B 51 -11.87 2.15 -44.28
C VAL B 51 -10.92 1.79 -45.42
N PHE B 52 -9.76 2.43 -45.47
CA PHE B 52 -8.82 2.16 -46.55
C PHE B 52 -8.38 0.71 -46.55
N LEU B 53 -8.04 0.19 -45.36
CA LEU B 53 -7.64 -1.21 -45.25
C LEU B 53 -8.80 -2.15 -45.56
N TRP B 54 -10.03 -1.72 -45.27
CA TRP B 54 -11.20 -2.51 -45.59
C TRP B 54 -11.40 -2.66 -47.08
N LEU B 55 -11.11 -1.60 -47.84
CA LEU B 55 -11.35 -1.64 -49.29
C LEU B 55 -10.31 -2.46 -50.05
N LEU B 56 -9.16 -2.76 -49.44
CA LEU B 56 -8.08 -3.43 -50.16
C LEU B 56 -8.33 -4.91 -50.39
N TRP B 57 -9.28 -5.53 -49.69
CA TRP B 57 -9.53 -6.95 -49.91
C TRP B 57 -10.33 -7.17 -51.19
N PRO B 58 -11.52 -6.52 -51.39
CA PRO B 58 -12.22 -6.71 -52.66
C PRO B 58 -11.69 -5.79 -53.74
N VAL B 59 -10.37 -5.65 -53.77
CA VAL B 59 -9.64 -4.99 -54.85
C VAL B 59 -8.56 -5.97 -55.28
N THR B 60 -7.82 -6.49 -54.30
CA THR B 60 -6.87 -7.57 -54.57
C THR B 60 -7.59 -8.80 -55.13
N LEU B 61 -8.76 -9.12 -54.58
CA LEU B 61 -9.50 -10.28 -55.05
C LEU B 61 -9.84 -10.15 -56.54
N ALA B 62 -10.27 -8.96 -56.97
CA ALA B 62 -10.64 -8.72 -58.36
C ALA B 62 -9.47 -8.27 -59.22
N CYS B 63 -8.29 -8.07 -58.63
CA CYS B 63 -7.07 -7.80 -59.38
C CYS B 63 -6.27 -9.05 -59.65
N PHE B 64 -6.45 -10.12 -58.88
CA PHE B 64 -5.89 -11.40 -59.26
C PHE B 64 -6.73 -12.16 -60.28
N VAL B 65 -8.02 -11.83 -60.39
CA VAL B 65 -8.90 -12.52 -61.34
C VAL B 65 -8.65 -12.07 -62.78
N LEU B 66 -8.17 -10.84 -62.98
CA LEU B 66 -7.87 -10.37 -64.33
C LEU B 66 -6.67 -11.09 -64.96
N ALA B 67 -6.05 -12.05 -64.28
CA ALA B 67 -5.06 -12.93 -64.88
C ALA B 67 -5.64 -14.27 -65.28
N ALA B 68 -6.93 -14.50 -65.04
CA ALA B 68 -7.65 -15.62 -65.63
C ALA B 68 -8.46 -15.21 -66.85
N VAL B 69 -8.75 -13.91 -67.00
CA VAL B 69 -9.38 -13.42 -68.20
C VAL B 69 -8.43 -13.53 -69.39
N TYR B 70 -7.17 -13.18 -69.18
CA TYR B 70 -6.19 -13.15 -70.26
C TYR B 70 -5.53 -14.51 -70.48
N ARG B 71 -5.15 -15.19 -69.39
CA ARG B 71 -4.64 -16.56 -69.39
C ARG B 71 -3.70 -16.83 -70.56
N ILE B 72 -2.60 -16.09 -70.59
CA ILE B 72 -1.67 -16.17 -71.71
C ILE B 72 -0.81 -17.42 -71.61
N ASN B 73 0.01 -17.52 -70.58
CA ASN B 73 0.86 -18.68 -70.34
C ASN B 73 0.35 -19.39 -69.10
N TRP B 74 -0.04 -20.65 -69.26
CA TRP B 74 -0.68 -21.37 -68.16
C TRP B 74 0.28 -21.75 -67.05
N VAL B 75 1.59 -21.57 -67.26
CA VAL B 75 2.55 -21.64 -66.16
C VAL B 75 2.66 -20.30 -65.44
N THR B 76 2.13 -19.22 -66.01
CA THR B 76 2.06 -17.93 -65.35
C THR B 76 0.63 -17.40 -65.26
N GLY B 77 -0.33 -18.04 -65.93
CA GLY B 77 -1.72 -17.67 -65.80
C GLY B 77 -2.49 -18.60 -64.89
N GLY B 78 -1.81 -19.64 -64.40
CA GLY B 78 -2.41 -20.57 -63.48
C GLY B 78 -2.03 -20.30 -62.04
N ILE B 79 -1.04 -19.44 -61.83
CA ILE B 79 -0.66 -19.06 -60.48
C ILE B 79 -1.75 -18.18 -59.85
N ALA B 80 -2.33 -17.28 -60.65
CA ALA B 80 -3.39 -16.39 -60.19
C ALA B 80 -4.73 -17.10 -60.07
N ILE B 81 -4.76 -18.42 -60.18
CA ILE B 81 -5.92 -19.21 -59.81
C ILE B 81 -5.84 -19.66 -58.37
N ALA B 82 -4.72 -20.27 -57.98
CA ALA B 82 -4.48 -20.59 -56.58
C ALA B 82 -4.41 -19.31 -55.75
N MET B 83 -3.74 -18.27 -56.26
CA MET B 83 -3.64 -17.02 -55.51
C MET B 83 -5.00 -16.38 -55.31
N ALA B 84 -5.84 -16.35 -56.35
CA ALA B 84 -7.19 -15.82 -56.20
C ALA B 84 -8.09 -16.74 -55.39
N CYS B 85 -7.72 -18.02 -55.26
CA CYS B 85 -8.41 -18.91 -54.34
C CYS B 85 -7.91 -18.76 -52.91
N ILE B 86 -6.78 -18.09 -52.70
CA ILE B 86 -6.30 -17.82 -51.35
C ILE B 86 -7.07 -16.63 -50.79
N VAL B 87 -6.94 -15.46 -51.43
CA VAL B 87 -7.72 -14.33 -50.97
C VAL B 87 -9.05 -14.32 -51.70
N GLY B 88 -9.89 -15.30 -51.42
CA GLY B 88 -11.32 -15.26 -51.63
C GLY B 88 -11.90 -16.16 -50.56
N LEU B 89 -10.98 -16.74 -49.78
CA LEU B 89 -11.26 -17.76 -48.79
C LEU B 89 -11.02 -17.27 -47.37
N MET B 90 -9.94 -16.50 -47.15
CA MET B 90 -9.77 -15.83 -45.88
C MET B 90 -10.77 -14.69 -45.72
N TRP B 91 -11.15 -14.05 -46.82
CA TRP B 91 -12.04 -12.90 -46.75
C TRP B 91 -13.40 -13.28 -46.18
N LEU B 92 -13.95 -14.41 -46.63
CA LEU B 92 -15.24 -14.84 -46.10
C LEU B 92 -15.12 -15.29 -44.66
N SER B 93 -14.10 -16.11 -44.36
CA SER B 93 -13.90 -16.67 -43.03
C SER B 93 -13.45 -15.64 -42.00
N TYR B 94 -13.36 -14.37 -42.36
CA TYR B 94 -13.06 -13.29 -41.43
C TYR B 94 -14.19 -12.28 -41.31
N PHE B 95 -14.83 -11.92 -42.43
CA PHE B 95 -16.07 -11.17 -42.37
C PHE B 95 -17.11 -11.91 -41.55
N VAL B 96 -17.14 -13.24 -41.69
CA VAL B 96 -18.08 -14.05 -40.92
C VAL B 96 -17.87 -13.86 -39.42
N ALA B 97 -16.61 -13.79 -38.99
CA ALA B 97 -16.31 -13.65 -37.57
C ALA B 97 -16.57 -12.24 -37.08
N SER B 98 -16.18 -11.23 -37.87
CA SER B 98 -16.43 -9.85 -37.47
C SER B 98 -17.91 -9.58 -37.33
N PHE B 99 -18.73 -10.17 -38.21
CA PHE B 99 -20.17 -10.04 -38.07
C PHE B 99 -20.70 -10.69 -36.80
N ARG B 100 -20.06 -11.76 -36.32
CA ARG B 100 -20.49 -12.34 -35.05
C ARG B 100 -20.10 -11.46 -33.87
N LEU B 101 -18.91 -10.86 -33.93
CA LEU B 101 -18.54 -9.83 -32.95
C LEU B 101 -19.60 -8.74 -32.90
N PHE B 102 -20.13 -8.37 -34.07
CA PHE B 102 -21.29 -7.47 -34.11
C PHE B 102 -22.51 -8.11 -33.47
N ALA B 103 -22.74 -9.40 -33.76
CA ALA B 103 -23.96 -10.07 -33.32
C ALA B 103 -24.11 -10.03 -31.81
N ARG B 104 -23.03 -10.29 -31.08
CA ARG B 104 -23.09 -10.16 -29.63
C ARG B 104 -23.12 -8.70 -29.22
N THR B 105 -22.12 -7.93 -29.61
CA THR B 105 -22.02 -6.51 -29.25
C THR B 105 -22.54 -5.68 -30.41
N ARG B 106 -23.71 -5.10 -30.26
CA ARG B 106 -24.31 -4.33 -31.35
C ARG B 106 -23.55 -3.02 -31.53
N SER B 107 -22.29 -3.11 -31.95
CA SER B 107 -21.42 -1.98 -32.16
C SER B 107 -20.93 -1.96 -33.61
N MET B 108 -20.52 -0.77 -34.05
CA MET B 108 -19.97 -0.60 -35.38
C MET B 108 -18.46 -0.72 -35.42
N TRP B 109 -17.83 -1.01 -34.28
CA TRP B 109 -16.41 -1.28 -34.22
C TRP B 109 -16.07 -2.73 -34.51
N SER B 110 -17.07 -3.61 -34.55
CA SER B 110 -16.87 -5.02 -34.86
C SER B 110 -16.55 -5.27 -36.31
N PHE B 111 -16.50 -4.23 -37.14
CA PHE B 111 -16.25 -4.38 -38.58
C PHE B 111 -14.91 -3.77 -38.99
N ASN B 112 -14.03 -3.50 -38.04
CA ASN B 112 -12.68 -3.15 -38.46
C ASN B 112 -11.92 -4.42 -38.84
N PRO B 113 -11.07 -4.36 -39.87
CA PRO B 113 -10.43 -5.57 -40.39
C PRO B 113 -9.19 -6.03 -39.65
N GLU B 114 -8.90 -5.49 -38.45
CA GLU B 114 -7.68 -5.84 -37.73
C GLU B 114 -7.91 -6.95 -36.71
N THR B 115 -8.80 -6.75 -35.75
CA THR B 115 -8.98 -7.68 -34.64
C THR B 115 -10.44 -8.06 -34.49
N ASN B 116 -10.70 -8.96 -33.54
CA ASN B 116 -12.05 -9.47 -33.27
C ASN B 116 -12.31 -9.51 -31.77
N ILE B 117 -11.81 -8.52 -31.04
CA ILE B 117 -12.01 -8.38 -29.60
C ILE B 117 -12.26 -6.92 -29.31
N LEU B 118 -13.15 -6.62 -28.35
CA LEU B 118 -13.54 -5.26 -28.04
C LEU B 118 -13.24 -4.91 -26.58
N LEU B 119 -13.13 -3.62 -26.32
CA LEU B 119 -12.90 -3.06 -24.99
C LEU B 119 -13.97 -2.02 -24.70
N ASN B 120 -14.60 -2.12 -23.53
CA ASN B 120 -15.69 -1.24 -23.10
C ASN B 120 -15.30 -0.56 -21.81
N VAL B 121 -15.39 0.77 -21.81
CA VAL B 121 -14.99 1.64 -20.71
C VAL B 121 -16.12 2.61 -20.41
N PRO B 122 -16.80 2.51 -19.26
CA PRO B 122 -17.83 3.50 -18.94
C PRO B 122 -17.23 4.87 -18.69
N LEU B 123 -17.77 5.88 -19.38
CA LEU B 123 -17.26 7.24 -19.25
C LEU B 123 -18.38 8.23 -19.47
N ARG B 124 -18.41 9.26 -18.62
CA ARG B 124 -19.30 10.42 -18.75
C ARG B 124 -20.72 10.00 -19.09
N GLY B 125 -21.24 9.04 -18.34
CA GLY B 125 -22.58 8.56 -18.56
C GLY B 125 -22.68 7.37 -19.50
N THR B 126 -22.08 7.49 -20.69
CA THR B 126 -22.22 6.46 -21.71
C THR B 126 -21.08 5.46 -21.62
N ILE B 127 -20.95 4.63 -22.65
CA ILE B 127 -19.87 3.65 -22.75
C ILE B 127 -19.02 4.00 -23.96
N VAL B 128 -17.70 3.88 -23.81
CA VAL B 128 -16.75 4.07 -24.90
C VAL B 128 -16.22 2.70 -25.29
N THR B 129 -16.38 2.34 -26.56
CA THR B 129 -16.00 1.03 -27.06
C THR B 129 -14.94 1.18 -28.15
N ARG B 130 -13.93 0.32 -28.09
CA ARG B 130 -12.83 0.35 -29.05
C ARG B 130 -12.43 -1.09 -29.35
N PRO B 131 -11.69 -1.31 -30.45
CA PRO B 131 -11.16 -2.65 -30.69
C PRO B 131 -9.83 -2.88 -29.96
N LEU B 132 -9.66 -4.09 -29.47
CA LEU B 132 -8.49 -4.50 -28.69
C LEU B 132 -7.91 -5.76 -29.32
N MET B 133 -6.60 -5.96 -29.15
CA MET B 133 -5.87 -6.99 -29.87
C MET B 133 -5.32 -8.11 -29.00
N GLU B 134 -5.29 -7.96 -27.67
CA GLU B 134 -4.51 -8.84 -26.82
C GLU B 134 -5.38 -9.76 -25.96
N SER B 135 -6.28 -9.21 -25.15
CA SER B 135 -7.05 -9.97 -24.16
C SER B 135 -6.12 -10.75 -23.22
N GLU B 136 -5.30 -9.99 -22.49
CA GLU B 136 -4.36 -10.56 -21.53
C GLU B 136 -5.02 -10.63 -20.15
N LEU B 137 -4.22 -10.88 -19.12
CA LEU B 137 -4.73 -10.98 -17.76
C LEU B 137 -4.64 -9.67 -16.98
N VAL B 138 -3.72 -8.77 -17.36
CA VAL B 138 -3.57 -7.48 -16.70
C VAL B 138 -3.62 -6.39 -17.76
N ILE B 139 -4.37 -5.32 -17.49
CA ILE B 139 -4.50 -4.19 -18.39
C ILE B 139 -4.02 -2.93 -17.67
N GLY B 140 -3.18 -2.15 -18.33
CA GLY B 140 -2.69 -0.91 -17.77
C GLY B 140 -3.52 0.29 -18.23
N ALA B 141 -3.52 1.34 -17.41
CA ALA B 141 -4.21 2.57 -17.75
C ALA B 141 -3.40 3.76 -17.25
N VAL B 142 -3.27 4.78 -18.09
CA VAL B 142 -2.48 5.97 -17.75
C VAL B 142 -3.33 7.20 -18.00
N ILE B 143 -3.42 8.08 -17.00
CA ILE B 143 -4.07 9.37 -17.13
C ILE B 143 -2.97 10.43 -17.22
N ILE B 144 -2.95 11.17 -18.31
CA ILE B 144 -2.00 12.25 -18.52
C ILE B 144 -2.77 13.55 -18.68
N ARG B 145 -2.57 14.48 -17.75
CA ARG B 145 -3.14 15.81 -17.79
C ARG B 145 -4.67 15.79 -17.84
N GLY B 146 -5.26 14.72 -17.33
CA GLY B 146 -6.70 14.59 -17.34
C GLY B 146 -7.27 13.87 -18.54
N HIS B 147 -6.44 13.24 -19.37
CA HIS B 147 -6.88 12.45 -20.50
C HIS B 147 -6.52 10.99 -20.27
N LEU B 148 -7.47 10.10 -20.50
CA LEU B 148 -7.30 8.68 -20.26
C LEU B 148 -6.78 7.96 -21.49
N ARG B 149 -5.84 7.03 -21.26
CA ARG B 149 -5.23 6.26 -22.34
C ARG B 149 -4.99 4.86 -21.82
N MET B 150 -5.71 3.90 -22.39
CA MET B 150 -5.79 2.57 -21.81
C MET B 150 -4.89 1.56 -22.54
N ALA B 151 -5.13 1.35 -23.83
CA ALA B 151 -4.47 0.28 -24.58
C ALA B 151 -4.09 0.76 -25.97
N GLY B 152 -3.51 1.95 -26.04
CA GLY B 152 -3.18 2.56 -27.31
C GLY B 152 -4.26 3.47 -27.88
N HIS B 153 -5.43 3.51 -27.25
CA HIS B 153 -6.51 4.41 -27.65
C HIS B 153 -6.63 5.54 -26.64
N SER B 154 -6.87 6.75 -27.15
CA SER B 154 -7.13 7.90 -26.30
C SER B 154 -8.63 7.99 -26.07
N LEU B 155 -9.07 7.69 -24.84
CA LEU B 155 -10.48 7.50 -24.59
C LEU B 155 -11.21 8.76 -24.16
N GLY B 156 -10.55 9.91 -24.14
CA GLY B 156 -11.24 11.14 -23.86
C GLY B 156 -10.73 11.91 -22.66
N ARG B 157 -11.64 12.36 -21.80
CA ARG B 157 -11.30 13.20 -20.66
C ARG B 157 -11.69 12.49 -19.38
N CYS B 158 -10.76 12.47 -18.41
CA CYS B 158 -11.01 11.81 -17.14
C CYS B 158 -10.05 12.36 -16.10
N ASP B 159 -10.60 12.75 -14.95
CA ASP B 159 -9.84 13.01 -13.75
C ASP B 159 -9.52 11.67 -13.10
N ILE B 160 -9.09 11.70 -11.84
CA ILE B 160 -9.04 10.43 -11.12
C ILE B 160 -10.45 10.24 -10.60
N LYS B 161 -11.32 9.77 -11.49
CA LYS B 161 -12.68 9.33 -11.22
C LYS B 161 -12.86 8.08 -12.07
N ASP B 162 -11.86 7.20 -12.01
CA ASP B 162 -11.86 6.00 -12.81
C ASP B 162 -12.95 5.05 -12.36
N LEU B 163 -13.03 3.93 -13.06
CA LEU B 163 -14.12 2.99 -12.85
C LEU B 163 -13.60 1.71 -12.21
N PRO B 164 -14.26 1.15 -11.21
CA PRO B 164 -13.84 -0.12 -10.62
C PRO B 164 -14.24 -1.32 -11.47
N LYS B 165 -14.72 -1.15 -12.72
CA LYS B 165 -14.98 -2.32 -13.58
C LYS B 165 -15.06 -1.97 -15.05
N GLU B 166 -14.19 -2.57 -15.87
CA GLU B 166 -14.17 -2.44 -17.31
C GLU B 166 -14.38 -3.81 -17.95
N ILE B 167 -14.79 -3.84 -19.22
CA ILE B 167 -15.21 -5.12 -19.79
C ILE B 167 -14.59 -5.38 -21.16
N THR B 168 -13.99 -6.54 -21.36
CA THR B 168 -13.42 -6.93 -22.65
C THR B 168 -14.25 -8.07 -23.24
N VAL B 169 -14.69 -7.88 -24.48
CA VAL B 169 -15.66 -8.74 -25.14
C VAL B 169 -15.01 -9.45 -26.33
N ALA B 170 -15.56 -10.60 -26.69
CA ALA B 170 -15.07 -11.38 -27.82
C ALA B 170 -16.25 -11.87 -28.65
N THR B 171 -15.92 -12.53 -29.77
CA THR B 171 -16.96 -12.96 -30.71
C THR B 171 -17.87 -14.02 -30.08
N SER B 172 -17.28 -15.11 -29.61
CA SER B 172 -18.04 -16.13 -28.90
C SER B 172 -17.23 -16.58 -27.69
N ARG B 173 -15.98 -16.15 -27.62
CA ARG B 173 -15.01 -16.68 -26.67
C ARG B 173 -15.50 -16.56 -25.24
N THR B 174 -15.61 -15.33 -24.74
CA THR B 174 -16.00 -15.09 -23.36
C THR B 174 -16.14 -13.62 -23.05
N LEU B 175 -17.01 -13.29 -22.10
CA LEU B 175 -16.99 -11.96 -21.50
C LEU B 175 -16.05 -11.98 -20.31
N SER B 176 -15.19 -10.97 -20.23
CA SER B 176 -14.12 -10.96 -19.23
C SER B 176 -14.13 -9.62 -18.51
N TYR B 177 -14.67 -9.60 -17.30
CA TYR B 177 -14.72 -8.39 -16.50
C TYR B 177 -13.42 -8.21 -15.71
N TYR B 178 -12.98 -6.97 -15.60
CA TYR B 178 -11.75 -6.61 -14.91
C TYR B 178 -12.09 -5.85 -13.64
N LYS B 179 -11.07 -5.40 -12.93
CA LYS B 179 -11.28 -4.86 -11.59
C LYS B 179 -10.16 -3.88 -11.27
N LEU B 180 -10.53 -2.71 -10.74
CA LEU B 180 -9.52 -1.72 -10.36
C LEU B 180 -8.69 -2.26 -9.21
N GLY B 181 -7.47 -2.70 -9.50
CA GLY B 181 -6.65 -3.34 -8.50
C GLY B 181 -5.76 -2.37 -7.75
N ALA B 182 -5.26 -1.36 -8.45
CA ALA B 182 -4.40 -0.37 -7.83
C ALA B 182 -4.40 0.88 -8.68
N SER B 183 -4.45 2.04 -8.01
CA SER B 183 -4.37 3.33 -8.68
C SER B 183 -3.50 4.25 -7.85
N GLN B 184 -2.87 5.21 -8.53
CA GLN B 184 -1.98 6.15 -7.85
C GLN B 184 -2.00 7.47 -8.60
N ARG B 185 -2.10 8.57 -7.84
CA ARG B 185 -2.06 9.91 -8.39
C ARG B 185 -0.62 10.42 -8.44
N VAL B 186 -0.26 11.06 -9.55
CA VAL B 186 1.08 11.58 -9.77
C VAL B 186 0.96 13.01 -10.28
N GLY B 187 1.60 13.94 -9.58
CA GLY B 187 1.75 15.31 -10.06
C GLY B 187 0.49 16.13 -10.22
N THR B 188 -0.49 15.92 -9.35
CA THR B 188 -1.69 16.76 -9.19
C THR B 188 -2.65 16.65 -10.37
N ASP B 189 -2.25 16.00 -11.44
CA ASP B 189 -3.18 15.73 -12.54
C ASP B 189 -3.14 14.30 -13.04
N SER B 190 -1.96 13.69 -13.09
CA SER B 190 -1.77 12.43 -13.79
C SER B 190 -1.99 11.25 -12.85
N GLY B 191 -1.94 10.05 -13.40
CA GLY B 191 -2.08 8.86 -12.56
C GLY B 191 -1.86 7.59 -13.35
N PHE B 192 -1.67 6.51 -12.61
CA PHE B 192 -1.55 5.17 -13.17
C PHE B 192 -2.54 4.24 -12.49
N ALA B 193 -3.01 3.25 -13.24
CA ALA B 193 -3.95 2.29 -12.67
C ALA B 193 -3.80 0.95 -13.38
N ALA B 194 -4.18 -0.11 -12.67
CA ALA B 194 -4.10 -1.47 -13.21
C ALA B 194 -5.43 -2.17 -13.04
N TYR B 195 -5.79 -2.96 -14.05
CA TYR B 195 -7.00 -3.77 -14.03
C TYR B 195 -6.56 -5.23 -14.12
N ASN B 196 -6.58 -5.90 -12.97
CA ASN B 196 -6.27 -7.32 -12.91
C ASN B 196 -7.54 -8.12 -13.14
N ARG B 197 -7.53 -8.99 -14.14
CA ARG B 197 -8.72 -9.76 -14.46
C ARG B 197 -9.14 -10.60 -13.26
N TYR B 198 -10.39 -10.45 -12.84
CA TYR B 198 -10.93 -11.19 -11.71
C TYR B 198 -12.06 -12.13 -12.08
N ARG B 199 -12.65 -12.00 -13.26
CA ARG B 199 -13.78 -12.82 -13.65
C ARG B 199 -13.65 -13.19 -15.11
N ILE B 200 -14.33 -14.28 -15.48
CA ILE B 200 -14.39 -14.73 -16.86
C ILE B 200 -15.75 -15.37 -17.08
N GLY B 201 -16.41 -15.00 -18.17
CA GLY B 201 -17.72 -15.54 -18.45
C GLY B 201 -17.91 -15.96 -19.89
N ASN B 202 -18.17 -17.24 -20.11
CA ASN B 202 -18.32 -17.76 -21.47
C ASN B 202 -19.80 -17.79 -21.84
N TYR B 203 -20.10 -17.30 -23.04
CA TYR B 203 -21.48 -17.17 -23.49
C TYR B 203 -22.13 -18.52 -23.71
N ASP C 3 -22.18 -27.21 -11.49
CA ASP C 3 -21.75 -28.48 -12.05
C ASP C 3 -20.44 -28.93 -11.43
N ILE C 4 -19.78 -28.02 -10.73
CA ILE C 4 -18.43 -28.24 -10.21
C ILE C 4 -18.49 -28.27 -8.69
N VAL C 5 -17.97 -29.33 -8.09
CA VAL C 5 -17.93 -29.46 -6.64
C VAL C 5 -16.64 -28.85 -6.12
N MET C 6 -16.76 -28.12 -5.00
CA MET C 6 -15.59 -27.54 -4.35
C MET C 6 -15.78 -27.68 -2.85
N THR C 7 -14.76 -28.17 -2.15
CA THR C 7 -14.94 -28.53 -0.76
C THR C 7 -13.82 -27.98 0.12
N GLN C 8 -14.16 -27.84 1.40
CA GLN C 8 -13.21 -27.47 2.45
C GLN C 8 -13.24 -28.54 3.53
N SER C 9 -12.06 -29.02 3.90
CA SER C 9 -11.94 -30.10 4.88
C SER C 9 -12.11 -29.62 6.32
N PRO C 10 -11.35 -28.60 6.79
CA PRO C 10 -11.45 -28.27 8.22
C PRO C 10 -12.73 -27.51 8.59
N ALA C 11 -13.79 -28.26 8.82
CA ALA C 11 -15.10 -27.67 9.07
C ALA C 11 -15.11 -26.74 10.28
N SER C 12 -14.30 -27.03 11.30
CA SER C 12 -14.21 -26.18 12.47
C SER C 12 -12.76 -26.10 12.93
N LEU C 13 -12.37 -24.93 13.44
CA LEU C 13 -11.02 -24.71 13.92
C LEU C 13 -11.06 -24.12 15.32
N ALA C 14 -9.96 -24.31 16.05
CA ALA C 14 -9.79 -23.74 17.39
C ALA C 14 -8.32 -23.36 17.53
N VAL C 15 -8.03 -22.06 17.46
CA VAL C 15 -6.67 -21.55 17.42
C VAL C 15 -6.48 -20.53 18.53
N SER C 16 -5.37 -20.65 19.26
CA SER C 16 -5.03 -19.69 20.28
C SER C 16 -4.42 -18.44 19.65
N LEU C 17 -4.33 -17.38 20.45
CA LEU C 17 -3.81 -16.11 19.96
C LEU C 17 -2.33 -16.22 19.62
N GLY C 18 -1.94 -15.65 18.48
CA GLY C 18 -0.57 -15.65 18.02
C GLY C 18 -0.16 -16.88 17.24
N GLN C 19 -1.03 -17.88 17.14
CA GLN C 19 -0.72 -19.12 16.43
C GLN C 19 -1.30 -19.07 15.02
N ARG C 20 -0.74 -19.91 14.15
CA ARG C 20 -1.15 -19.98 12.76
C ARG C 20 -2.43 -20.80 12.59
N ALA C 21 -3.32 -20.32 11.71
CA ALA C 21 -4.49 -21.07 11.29
C ALA C 21 -4.43 -21.30 9.79
N THR C 22 -4.74 -22.53 9.38
CA THR C 22 -4.73 -22.93 7.98
C THR C 22 -6.08 -23.50 7.61
N ILE C 23 -6.60 -23.11 6.44
CA ILE C 23 -7.87 -23.62 5.93
C ILE C 23 -7.63 -24.05 4.50
N SER C 24 -8.01 -25.29 4.17
CA SER C 24 -7.73 -25.85 2.87
C SER C 24 -9.00 -25.97 2.03
N CYS C 25 -8.82 -25.96 0.72
CA CYS C 25 -9.92 -26.11 -0.22
C CYS C 25 -9.45 -26.86 -1.44
N LYS C 26 -10.30 -27.76 -1.92
CA LYS C 26 -10.02 -28.58 -3.09
C LYS C 26 -11.07 -28.30 -4.16
N ALA C 27 -10.60 -28.06 -5.38
CA ALA C 27 -11.45 -27.83 -6.54
C ALA C 27 -11.48 -29.10 -7.38
N SER C 28 -12.69 -29.57 -7.72
CA SER C 28 -12.83 -30.87 -8.35
C SER C 28 -12.19 -30.92 -9.74
N GLN C 29 -12.36 -29.87 -10.54
CA GLN C 29 -12.11 -29.94 -11.97
C GLN C 29 -10.90 -29.14 -12.42
N SER C 30 -9.98 -28.83 -11.50
CA SER C 30 -8.65 -28.31 -11.83
C SER C 30 -8.72 -27.13 -12.81
N ILE C 31 -9.31 -26.04 -12.32
CA ILE C 31 -9.40 -24.81 -13.10
C ILE C 31 -8.02 -24.39 -13.57
N ASP C 32 -7.90 -24.10 -14.87
CA ASP C 32 -6.67 -23.52 -15.41
C ASP C 32 -7.03 -22.77 -16.68
N TYR C 33 -6.90 -21.45 -16.64
CA TYR C 33 -7.08 -20.60 -17.81
C TYR C 33 -5.74 -19.97 -18.12
N ASP C 34 -5.05 -20.53 -19.12
CA ASP C 34 -3.75 -20.01 -19.58
C ASP C 34 -2.75 -19.93 -18.43
N GLY C 35 -2.72 -20.97 -17.60
CA GLY C 35 -1.79 -21.06 -16.51
C GLY C 35 -2.24 -20.42 -15.22
N ASP C 36 -3.44 -19.80 -15.19
CA ASP C 36 -3.89 -19.05 -14.04
C ASP C 36 -5.10 -19.72 -13.40
N ASN C 37 -4.98 -20.03 -12.11
CA ASN C 37 -6.07 -20.53 -11.30
C ASN C 37 -6.92 -19.37 -10.79
N TYR C 38 -8.21 -19.63 -10.58
CA TYR C 38 -9.14 -18.64 -10.07
C TYR C 38 -9.79 -19.13 -8.78
N MET C 39 -9.72 -18.30 -7.74
CA MET C 39 -10.22 -18.67 -6.42
C MET C 39 -10.46 -17.44 -5.54
N ASN C 40 -11.65 -17.33 -4.96
CA ASN C 40 -12.03 -16.21 -4.11
C ASN C 40 -12.34 -16.69 -2.69
N TRP C 41 -11.77 -16.01 -1.71
CA TRP C 41 -11.95 -16.29 -0.29
C TRP C 41 -12.71 -15.14 0.36
N TYR C 42 -13.81 -15.47 1.04
CA TYR C 42 -14.72 -14.53 1.70
C TYR C 42 -14.77 -14.77 3.20
N GLN C 43 -15.10 -13.71 3.95
CA GLN C 43 -15.32 -13.79 5.39
C GLN C 43 -16.67 -13.16 5.73
N GLN C 44 -17.42 -13.81 6.61
CA GLN C 44 -18.74 -13.32 7.03
C GLN C 44 -18.88 -13.42 8.54
N LYS C 45 -19.42 -12.37 9.14
CA LYS C 45 -19.74 -12.27 10.55
C LYS C 45 -21.26 -12.28 10.74
N PRO C 46 -21.75 -12.68 11.92
CA PRO C 46 -23.20 -12.76 12.11
C PRO C 46 -23.88 -11.41 11.90
N GLY C 47 -25.02 -11.45 11.21
CA GLY C 47 -25.83 -10.27 10.98
C GLY C 47 -25.34 -9.36 9.86
N GLN C 48 -24.32 -9.75 9.11
CA GLN C 48 -23.73 -8.91 8.09
C GLN C 48 -23.53 -9.71 6.81
N PRO C 49 -23.51 -9.04 5.66
CA PRO C 49 -23.17 -9.73 4.40
C PRO C 49 -21.69 -10.06 4.33
N PRO C 50 -21.30 -11.03 3.51
CA PRO C 50 -19.88 -11.41 3.46
C PRO C 50 -19.00 -10.33 2.89
N LYS C 51 -17.72 -10.41 3.25
CA LYS C 51 -16.70 -9.47 2.83
C LYS C 51 -15.61 -10.21 2.06
N LEU C 52 -15.21 -9.67 0.92
CA LEU C 52 -14.21 -10.33 0.09
C LEU C 52 -12.83 -10.16 0.69
N LEU C 53 -12.11 -11.27 0.84
CA LEU C 53 -10.74 -11.25 1.33
C LEU C 53 -9.72 -11.39 0.20
N ILE C 54 -9.79 -12.46 -0.58
CA ILE C 54 -8.78 -12.74 -1.60
C ILE C 54 -9.43 -13.09 -2.93
N TYR C 55 -8.83 -12.60 -4.02
CA TYR C 55 -9.30 -12.91 -5.37
C TYR C 55 -8.13 -13.39 -6.23
N THR C 56 -8.46 -14.28 -7.17
CA THR C 56 -7.50 -14.89 -8.09
C THR C 56 -6.35 -15.57 -7.34
N THR C 57 -6.72 -16.22 -6.23
CA THR C 57 -5.90 -17.18 -5.49
C THR C 57 -4.74 -16.56 -4.72
N SER C 58 -4.33 -15.34 -5.05
CA SER C 58 -3.23 -14.77 -4.26
C SER C 58 -3.30 -13.26 -4.10
N ASN C 59 -4.31 -12.61 -4.66
CA ASN C 59 -4.34 -11.15 -4.71
C ASN C 59 -5.18 -10.64 -3.54
N LEU C 60 -4.52 -9.98 -2.60
CA LEU C 60 -5.17 -9.51 -1.39
C LEU C 60 -6.01 -8.28 -1.71
N GLU C 61 -7.28 -8.31 -1.29
CA GLU C 61 -8.18 -7.19 -1.51
C GLU C 61 -7.70 -5.97 -0.74
N SER C 62 -7.80 -4.79 -1.37
CA SER C 62 -7.36 -3.56 -0.72
C SER C 62 -8.17 -3.29 0.54
N GLY C 63 -7.46 -2.96 1.62
CA GLY C 63 -8.07 -2.75 2.92
C GLY C 63 -8.04 -3.95 3.83
N ILE C 64 -7.63 -5.11 3.34
CA ILE C 64 -7.56 -6.33 4.14
C ILE C 64 -6.18 -6.39 4.79
N PRO C 65 -6.09 -6.71 6.09
CA PRO C 65 -4.78 -6.78 6.75
C PRO C 65 -3.87 -7.83 6.11
N ALA C 66 -2.57 -7.55 6.12
CA ALA C 66 -1.59 -8.40 5.47
C ALA C 66 -1.46 -9.76 6.15
N ARG C 67 -2.01 -9.94 7.34
CA ARG C 67 -1.93 -11.23 8.02
C ARG C 67 -2.76 -12.31 7.33
N PHE C 68 -3.63 -11.95 6.41
CA PHE C 68 -4.35 -12.90 5.57
C PHE C 68 -3.54 -13.13 4.31
N SER C 69 -3.30 -14.39 3.96
CA SER C 69 -2.66 -14.70 2.69
C SER C 69 -3.18 -16.05 2.21
N GLY C 70 -2.85 -16.37 0.97
CA GLY C 70 -3.32 -17.63 0.40
C GLY C 70 -2.57 -17.94 -0.87
N SER C 71 -2.59 -19.23 -1.22
CA SER C 71 -1.91 -19.68 -2.43
C SER C 71 -2.35 -21.10 -2.75
N GLY C 72 -2.02 -21.54 -3.95
CA GLY C 72 -2.38 -22.88 -4.36
C GLY C 72 -1.97 -23.14 -5.79
N SER C 73 -2.32 -24.35 -6.25
CA SER C 73 -2.02 -24.76 -7.61
C SER C 73 -3.01 -25.83 -8.06
N GLY C 74 -3.57 -25.63 -9.24
CA GLY C 74 -4.28 -26.67 -9.96
C GLY C 74 -5.60 -27.07 -9.32
N THR C 75 -5.50 -27.75 -8.17
CA THR C 75 -6.67 -28.17 -7.41
C THR C 75 -6.59 -27.83 -5.94
N ASP C 76 -5.41 -27.62 -5.39
CA ASP C 76 -5.24 -27.47 -3.95
C ASP C 76 -4.96 -26.01 -3.64
N PHE C 77 -5.80 -25.41 -2.78
CA PHE C 77 -5.64 -24.02 -2.39
C PHE C 77 -5.71 -23.92 -0.87
N THR C 78 -5.01 -22.94 -0.31
CA THR C 78 -4.89 -22.82 1.14
C THR C 78 -4.90 -21.35 1.54
N LEU C 79 -5.69 -21.07 2.58
CA LEU C 79 -5.78 -19.79 3.26
C LEU C 79 -5.02 -19.85 4.58
N ASN C 80 -4.10 -18.91 4.79
CA ASN C 80 -3.22 -18.88 5.94
C ASN C 80 -3.43 -17.57 6.69
N ILE C 81 -3.64 -17.68 8.01
CA ILE C 81 -3.73 -16.54 8.91
C ILE C 81 -2.67 -16.75 9.98
N HIS C 82 -1.53 -16.05 9.87
CA HIS C 82 -0.42 -16.34 10.77
C HIS C 82 -0.62 -15.78 12.18
N PRO C 83 -0.75 -14.46 12.36
CA PRO C 83 -0.94 -14.00 13.75
C PRO C 83 -2.41 -13.89 14.10
N VAL C 84 -3.05 -15.05 14.33
CA VAL C 84 -4.48 -15.09 14.61
C VAL C 84 -4.78 -14.26 15.85
N GLU C 85 -5.73 -13.34 15.72
CA GLU C 85 -6.13 -12.46 16.80
C GLU C 85 -7.52 -12.84 17.31
N GLU C 86 -7.94 -12.15 18.36
CA GLU C 86 -9.24 -12.45 18.99
C GLU C 86 -10.42 -11.98 18.15
N GLY C 87 -10.19 -11.06 17.21
CA GLY C 87 -11.26 -10.62 16.32
C GLY C 87 -11.51 -11.52 15.14
N ASP C 88 -10.67 -12.54 14.93
CA ASP C 88 -10.82 -13.44 13.80
C ASP C 88 -11.76 -14.60 14.16
N ALA C 89 -13.02 -14.25 14.38
CA ALA C 89 -14.07 -15.21 14.69
C ALA C 89 -15.19 -15.01 13.67
N ALA C 90 -15.09 -15.72 12.55
CA ALA C 90 -16.03 -15.56 11.45
C ALA C 90 -16.08 -16.85 10.65
N THR C 91 -16.92 -16.87 9.63
CA THR C 91 -17.05 -18.01 8.75
C THR C 91 -16.42 -17.68 7.39
N TYR C 92 -15.66 -18.62 6.84
CA TYR C 92 -14.89 -18.38 5.63
C TYR C 92 -15.40 -19.24 4.48
N TYR C 93 -15.47 -18.64 3.30
CA TYR C 93 -16.08 -19.26 2.12
C TYR C 93 -15.14 -19.16 0.93
N CYS C 94 -15.44 -19.99 -0.09
CA CYS C 94 -14.67 -20.05 -1.32
C CYS C 94 -15.60 -20.00 -2.53
N GLN C 95 -15.11 -19.41 -3.62
CA GLN C 95 -15.87 -19.31 -4.86
C GLN C 95 -14.93 -19.39 -6.07
N GLN C 96 -15.51 -19.76 -7.21
CA GLN C 96 -14.74 -20.05 -8.42
C GLN C 96 -14.39 -18.79 -9.19
N ASN C 97 -15.42 -18.11 -9.70
CA ASN C 97 -15.26 -17.02 -10.66
C ASN C 97 -14.52 -17.47 -11.92
N ASN C 98 -14.78 -18.71 -12.35
CA ASN C 98 -14.30 -19.16 -13.66
C ASN C 98 -15.46 -19.62 -14.52
N GLU C 99 -16.28 -20.53 -14.02
CA GLU C 99 -17.24 -21.25 -14.84
C GLU C 99 -18.65 -20.71 -14.64
N ASP C 100 -19.51 -21.05 -15.60
CA ASP C 100 -20.88 -20.55 -15.73
C ASP C 100 -21.64 -20.46 -14.42
N PRO C 101 -21.69 -21.51 -13.59
CA PRO C 101 -22.46 -21.40 -12.34
C PRO C 101 -21.78 -20.56 -11.26
N TYR C 102 -20.46 -20.36 -11.34
CA TYR C 102 -19.71 -19.60 -10.34
C TYR C 102 -20.05 -20.08 -8.92
N THR C 103 -19.86 -21.39 -8.72
CA THR C 103 -20.37 -22.04 -7.52
C THR C 103 -19.60 -21.62 -6.27
N PHE C 104 -20.28 -21.73 -5.13
CA PHE C 104 -19.68 -21.57 -3.81
C PHE C 104 -19.36 -22.94 -3.22
N GLY C 105 -18.33 -22.97 -2.39
CA GLY C 105 -18.04 -24.13 -1.58
C GLY C 105 -18.71 -24.02 -0.22
N GLY C 106 -18.44 -25.01 0.63
CA GLY C 106 -18.90 -24.96 1.99
C GLY C 106 -18.13 -23.97 2.82
N GLY C 107 -18.65 -23.70 4.01
CA GLY C 107 -18.03 -22.78 4.94
C GLY C 107 -17.29 -23.49 6.06
N THR C 108 -16.37 -22.75 6.67
CA THR C 108 -15.62 -23.22 7.83
C THR C 108 -15.66 -22.16 8.90
N LYS C 109 -15.71 -22.59 10.16
CA LYS C 109 -15.89 -21.70 11.30
C LYS C 109 -14.62 -21.70 12.16
N LEU C 110 -14.11 -20.51 12.46
CA LEU C 110 -12.89 -20.37 13.24
C LEU C 110 -13.24 -19.87 14.64
N GLU C 111 -12.85 -20.63 15.65
CA GLU C 111 -13.01 -20.25 17.04
C GLU C 111 -11.67 -19.93 17.67
N ILE C 112 -11.71 -19.15 18.75
CA ILE C 112 -10.51 -18.67 19.44
C ILE C 112 -10.40 -19.34 20.79
N LYS C 113 -9.23 -19.88 21.10
CA LYS C 113 -8.99 -20.53 22.38
C LYS C 113 -8.71 -19.48 23.46
N ARG C 114 -9.08 -19.82 24.69
CA ARG C 114 -8.94 -18.90 25.81
C ARG C 114 -8.89 -19.71 27.09
N ALA C 115 -8.40 -19.08 28.16
CA ALA C 115 -8.34 -19.72 29.47
C ALA C 115 -9.75 -20.00 29.99
N ASP C 116 -9.86 -21.00 30.86
CA ASP C 116 -11.15 -21.40 31.41
C ASP C 116 -11.73 -20.29 32.27
N ALA C 117 -13.06 -20.20 32.28
CA ALA C 117 -13.77 -19.23 33.10
C ALA C 117 -15.12 -19.79 33.48
N ALA C 118 -15.57 -19.48 34.72
CA ALA C 118 -16.84 -19.94 35.27
C ALA C 118 -17.94 -18.92 35.01
N PRO C 119 -19.18 -19.38 34.85
CA PRO C 119 -20.27 -18.44 34.52
C PRO C 119 -20.79 -17.71 35.76
N THR C 120 -21.33 -16.52 35.52
CA THR C 120 -22.10 -15.80 36.52
C THR C 120 -23.57 -16.13 36.33
N VAL C 121 -24.24 -16.54 37.40
CA VAL C 121 -25.58 -17.12 37.33
C VAL C 121 -26.55 -16.19 38.02
N SER C 122 -27.67 -15.90 37.34
CA SER C 122 -28.75 -15.13 37.95
C SER C 122 -30.08 -15.69 37.50
N ILE C 123 -31.13 -15.49 38.30
CA ILE C 123 -32.46 -15.98 37.96
C ILE C 123 -33.50 -14.92 38.25
N PHE C 124 -34.65 -15.06 37.58
CA PHE C 124 -35.78 -14.16 37.70
C PHE C 124 -37.07 -14.95 37.85
N PRO C 125 -37.92 -14.54 38.79
CA PRO C 125 -39.22 -15.18 39.00
C PRO C 125 -40.26 -14.62 38.05
N PRO C 126 -41.47 -15.18 38.03
CA PRO C 126 -42.51 -14.65 37.14
C PRO C 126 -42.84 -13.20 37.46
N SER C 127 -43.17 -12.45 36.42
CA SER C 127 -43.56 -11.06 36.56
C SER C 127 -45.04 -10.95 36.96
N SER C 128 -45.41 -9.77 37.45
CA SER C 128 -46.81 -9.54 37.82
C SER C 128 -47.72 -9.55 36.60
N GLU C 129 -47.22 -9.08 35.46
CA GLU C 129 -48.04 -9.08 34.24
C GLU C 129 -48.37 -10.50 33.79
N GLN C 130 -47.39 -11.40 33.82
CA GLN C 130 -47.64 -12.78 33.43
C GLN C 130 -48.63 -13.45 34.37
N LEU C 131 -48.47 -13.24 35.68
CA LEU C 131 -49.39 -13.85 36.64
C LEU C 131 -50.79 -13.26 36.52
N THR C 132 -50.90 -11.96 36.25
CA THR C 132 -52.20 -11.36 36.00
C THR C 132 -52.85 -11.94 34.74
N SER C 133 -52.06 -12.15 33.69
CA SER C 133 -52.59 -12.76 32.48
C SER C 133 -53.01 -14.20 32.70
N GLY C 134 -52.30 -14.93 33.56
CA GLY C 134 -52.62 -16.32 33.85
C GLY C 134 -51.47 -17.29 33.62
N GLY C 135 -50.28 -16.83 33.22
CA GLY C 135 -49.14 -17.70 33.02
C GLY C 135 -48.02 -17.41 34.01
N ALA C 136 -46.87 -18.01 33.72
CA ALA C 136 -45.70 -17.84 34.59
C ALA C 136 -44.47 -18.31 33.85
N SER C 137 -43.33 -17.73 34.21
CA SER C 137 -42.05 -18.09 33.63
C SER C 137 -40.95 -17.86 34.66
N VAL C 138 -39.96 -18.75 34.65
CA VAL C 138 -38.78 -18.62 35.49
C VAL C 138 -37.57 -18.63 34.56
N VAL C 139 -36.70 -17.63 34.67
CA VAL C 139 -35.67 -17.46 33.64
C VAL C 139 -34.29 -17.35 34.29
N CYS C 140 -33.33 -18.10 33.75
CA CYS C 140 -31.99 -18.20 34.33
C CYS C 140 -30.95 -17.82 33.28
N PHE C 141 -30.00 -16.98 33.69
CA PHE C 141 -28.98 -16.43 32.81
C PHE C 141 -27.59 -16.84 33.30
N LEU C 142 -26.79 -17.34 32.37
CA LEU C 142 -25.38 -17.66 32.61
C LEU C 142 -24.54 -16.74 31.74
N ASN C 143 -23.67 -15.95 32.36
CA ASN C 143 -22.96 -14.89 31.65
C ASN C 143 -21.45 -15.05 31.79
N ASN C 144 -20.74 -14.73 30.71
CA ASN C 144 -19.29 -14.54 30.71
C ASN C 144 -18.54 -15.80 31.13
N PHE C 145 -18.86 -16.91 30.46
CA PHE C 145 -18.12 -18.16 30.61
C PHE C 145 -17.46 -18.52 29.28
N TYR C 146 -16.25 -19.07 29.36
CA TYR C 146 -15.59 -19.48 28.12
C TYR C 146 -16.07 -20.83 27.59
N PRO C 147 -15.99 -21.92 28.36
CA PRO C 147 -16.31 -23.23 27.77
C PRO C 147 -17.78 -23.34 27.38
N LYS C 148 -18.03 -24.09 26.31
CA LYS C 148 -19.39 -24.25 25.80
C LYS C 148 -20.14 -25.43 26.40
N ASP C 149 -19.48 -26.27 27.20
CA ASP C 149 -20.11 -27.48 27.73
C ASP C 149 -20.58 -27.20 29.15
N ILE C 150 -21.85 -26.80 29.28
CA ILE C 150 -22.49 -26.55 30.56
C ILE C 150 -23.78 -27.35 30.61
N ASN C 151 -24.00 -28.06 31.71
CA ASN C 151 -25.21 -28.85 31.90
C ASN C 151 -26.16 -28.06 32.80
N VAL C 152 -27.25 -27.56 32.24
CA VAL C 152 -28.21 -26.75 32.96
C VAL C 152 -29.39 -27.63 33.37
N LYS C 153 -29.74 -27.60 34.65
CA LYS C 153 -30.77 -28.46 35.22
C LYS C 153 -31.83 -27.64 35.93
N TRP C 154 -33.07 -28.14 35.85
CA TRP C 154 -34.26 -27.54 36.47
C TRP C 154 -34.84 -28.58 37.43
N LYS C 155 -34.36 -28.57 38.68
CA LYS C 155 -34.76 -29.54 39.68
C LYS C 155 -35.66 -28.86 40.70
N ILE C 156 -36.91 -29.31 40.79
CA ILE C 156 -37.90 -28.76 41.71
C ILE C 156 -38.25 -29.86 42.70
N ASP C 157 -37.89 -29.65 43.97
CA ASP C 157 -38.16 -30.62 45.04
C ASP C 157 -37.60 -32.00 44.69
N GLY C 158 -36.43 -32.01 44.07
CA GLY C 158 -35.78 -33.24 43.68
C GLY C 158 -36.22 -33.82 42.35
N SER C 159 -37.20 -33.20 41.68
CA SER C 159 -37.73 -33.69 40.43
C SER C 159 -37.18 -32.86 39.28
N GLU C 160 -36.57 -33.52 38.30
CA GLU C 160 -36.03 -32.83 37.13
C GLU C 160 -37.14 -32.55 36.14
N ARG C 161 -37.33 -31.28 35.80
CA ARG C 161 -38.38 -30.86 34.88
C ARG C 161 -37.77 -30.71 33.48
N GLN C 162 -38.16 -31.62 32.58
CA GLN C 162 -37.67 -31.58 31.21
C GLN C 162 -38.61 -30.86 30.25
N ASN C 163 -39.90 -30.80 30.58
CA ASN C 163 -40.89 -30.21 29.69
C ASN C 163 -41.00 -28.71 29.95
N GLY C 164 -41.05 -27.93 28.86
CA GLY C 164 -41.22 -26.51 28.97
C GLY C 164 -39.95 -25.71 29.18
N VAL C 165 -38.78 -26.27 28.85
CA VAL C 165 -37.51 -25.61 29.06
C VAL C 165 -36.89 -25.32 27.70
N LEU C 166 -36.56 -24.06 27.45
CA LEU C 166 -35.90 -23.64 26.22
C LEU C 166 -34.53 -23.07 26.55
N ASN C 167 -33.57 -23.28 25.64
CA ASN C 167 -32.19 -22.88 25.88
C ASN C 167 -31.67 -22.19 24.63
N SER C 168 -31.18 -20.96 24.79
CA SER C 168 -30.64 -20.17 23.68
C SER C 168 -29.20 -19.79 23.98
N TRP C 169 -28.35 -19.91 22.97
CA TRP C 169 -26.92 -19.64 23.05
C TRP C 169 -26.55 -18.44 22.19
N THR C 170 -25.58 -17.67 22.67
CA THR C 170 -25.02 -16.59 21.88
C THR C 170 -23.82 -17.11 21.08
N ASP C 171 -23.35 -16.27 20.15
CA ASP C 171 -22.12 -16.57 19.44
C ASP C 171 -20.93 -16.16 20.30
N GLN C 172 -19.72 -16.51 19.85
CA GLN C 172 -18.53 -16.15 20.58
C GLN C 172 -18.32 -14.64 20.55
N ASP C 173 -18.10 -14.05 21.72
CA ASP C 173 -17.93 -12.61 21.82
C ASP C 173 -16.70 -12.18 21.03
N SER C 174 -16.83 -11.09 20.29
CA SER C 174 -15.72 -10.56 19.50
C SER C 174 -14.76 -9.74 20.34
N LYS C 175 -15.06 -9.49 21.61
CA LYS C 175 -14.21 -8.68 22.47
C LYS C 175 -13.44 -9.50 23.49
N ASP C 176 -14.03 -10.56 24.06
CA ASP C 176 -13.34 -11.36 25.07
C ASP C 176 -13.52 -12.86 24.86
N SER C 177 -14.08 -13.28 23.72
CA SER C 177 -14.19 -14.69 23.33
C SER C 177 -15.06 -15.51 24.28
N THR C 178 -15.90 -14.86 25.09
CA THR C 178 -16.75 -15.60 26.02
C THR C 178 -18.10 -15.92 25.38
N TYR C 179 -18.90 -16.71 26.10
CA TYR C 179 -20.23 -17.08 25.67
C TYR C 179 -21.23 -16.76 26.77
N SER C 180 -22.51 -16.77 26.39
CA SER C 180 -23.60 -16.57 27.32
C SER C 180 -24.75 -17.50 26.98
N MET C 181 -25.59 -17.79 27.96
CA MET C 181 -26.68 -18.75 27.80
C MET C 181 -27.92 -18.26 28.53
N SER C 182 -29.09 -18.47 27.92
CA SER C 182 -30.37 -18.15 28.53
C SER C 182 -31.24 -19.39 28.55
N SER C 183 -31.72 -19.77 29.73
CA SER C 183 -32.59 -20.93 29.89
C SER C 183 -33.90 -20.48 30.51
N THR C 184 -35.01 -20.77 29.85
CA THR C 184 -36.32 -20.28 30.26
C THR C 184 -37.27 -21.45 30.50
N LEU C 185 -37.96 -21.44 31.63
CA LEU C 185 -38.99 -22.40 31.96
C LEU C 185 -40.35 -21.71 31.85
N THR C 186 -41.22 -22.25 31.01
CA THR C 186 -42.54 -21.68 30.73
C THR C 186 -43.60 -22.58 31.36
N LEU C 187 -44.58 -21.97 32.02
CA LEU C 187 -45.62 -22.74 32.67
C LEU C 187 -46.84 -21.86 32.88
N THR C 188 -47.92 -22.47 33.37
CA THR C 188 -49.14 -21.74 33.67
C THR C 188 -49.21 -21.41 35.16
N LYS C 189 -50.03 -20.42 35.49
CA LYS C 189 -50.18 -20.01 36.89
C LYS C 189 -50.74 -21.14 37.73
N ASP C 190 -51.64 -21.96 37.16
CA ASP C 190 -52.23 -23.06 37.90
C ASP C 190 -51.19 -24.09 38.33
N GLU C 191 -50.10 -24.23 37.59
CA GLU C 191 -49.00 -25.11 37.98
C GLU C 191 -47.92 -24.39 38.77
N TYR C 192 -47.79 -23.08 38.60
CA TYR C 192 -46.79 -22.33 39.35
C TYR C 192 -47.10 -22.32 40.84
N GLU C 193 -48.37 -22.15 41.19
CA GLU C 193 -48.78 -22.02 42.60
C GLU C 193 -48.99 -23.39 43.23
N ARG C 194 -47.99 -24.26 43.04
CA ARG C 194 -47.98 -25.56 43.70
C ARG C 194 -46.74 -25.72 44.56
N HIS C 195 -45.57 -25.53 43.95
CA HIS C 195 -44.31 -25.71 44.66
C HIS C 195 -43.84 -24.39 45.24
N ASN C 196 -43.16 -24.46 46.38
CA ASN C 196 -42.70 -23.27 47.08
C ASN C 196 -41.33 -22.80 46.62
N SER C 197 -40.41 -23.74 46.38
CA SER C 197 -39.02 -23.41 46.06
C SER C 197 -38.75 -23.73 44.60
N TYR C 198 -38.22 -22.75 43.88
CA TYR C 198 -37.82 -22.89 42.48
C TYR C 198 -36.31 -22.74 42.40
N THR C 199 -35.66 -23.73 41.77
CA THR C 199 -34.21 -23.82 41.75
C THR C 199 -33.70 -24.03 40.32
N CYS C 200 -32.66 -23.29 39.96
CA CYS C 200 -31.94 -23.47 38.71
C CYS C 200 -30.50 -23.83 39.03
N GLU C 201 -29.98 -24.86 38.35
CA GLU C 201 -28.63 -25.33 38.60
C GLU C 201 -27.82 -25.35 37.30
N ALA C 202 -26.53 -25.08 37.41
CA ALA C 202 -25.63 -25.14 36.26
C ALA C 202 -24.36 -25.87 36.68
N THR C 203 -24.06 -26.97 35.99
CA THR C 203 -22.84 -27.74 36.22
C THR C 203 -21.84 -27.38 35.13
N HIS C 204 -20.66 -26.93 35.54
CA HIS C 204 -19.60 -26.46 34.67
C HIS C 204 -18.44 -27.44 34.69
N LYS C 205 -17.40 -27.12 33.92
CA LYS C 205 -16.24 -27.99 33.77
C LYS C 205 -14.98 -27.45 34.43
N THR C 206 -15.11 -26.39 35.22
CA THR C 206 -13.98 -25.80 35.93
C THR C 206 -13.98 -26.15 37.42
N SER C 207 -15.07 -26.73 37.91
CA SER C 207 -15.17 -27.08 39.33
C SER C 207 -16.01 -28.34 39.47
N THR C 208 -16.01 -28.89 40.69
CA THR C 208 -16.85 -30.02 41.05
C THR C 208 -18.08 -29.57 41.86
N SER C 209 -18.32 -28.26 41.94
CA SER C 209 -19.44 -27.72 42.70
C SER C 209 -20.32 -26.90 41.76
N PRO C 210 -21.47 -27.43 41.34
CA PRO C 210 -22.35 -26.68 40.45
C PRO C 210 -22.88 -25.42 41.12
N ILE C 211 -23.17 -24.41 40.30
CA ILE C 211 -23.69 -23.14 40.79
C ILE C 211 -25.22 -23.20 40.78
N VAL C 212 -25.82 -22.86 41.93
CA VAL C 212 -27.24 -23.06 42.17
C VAL C 212 -27.85 -21.75 42.64
N LYS C 213 -28.96 -21.35 42.01
CA LYS C 213 -29.72 -20.19 42.46
C LYS C 213 -31.17 -20.63 42.65
N SER C 214 -31.87 -19.95 43.56
CA SER C 214 -33.22 -20.38 43.90
C SER C 214 -33.99 -19.22 44.53
N PHE C 215 -35.32 -19.37 44.54
CA PHE C 215 -36.20 -18.41 45.18
C PHE C 215 -37.46 -19.12 45.66
N ASN C 216 -38.16 -18.49 46.59
CA ASN C 216 -39.43 -19.00 47.09
C ASN C 216 -40.57 -18.14 46.55
N ARG C 217 -41.70 -18.78 46.23
CA ARG C 217 -42.84 -18.05 45.69
C ARG C 217 -43.42 -17.08 46.71
N ASN C 218 -43.18 -17.29 48.00
CA ASN C 218 -43.63 -16.39 49.05
C ASN C 218 -42.52 -15.46 49.51
N GLU C 219 -41.39 -15.44 48.82
CA GLU C 219 -40.26 -14.61 49.22
C GLU C 219 -40.47 -13.14 48.86
N CYS C 220 -41.12 -12.86 47.74
CA CYS C 220 -41.22 -11.49 47.23
C CYS C 220 -42.40 -10.74 47.85
N GLU D 1 -18.43 7.02 -2.47
CA GLU D 1 -18.96 5.97 -1.61
C GLU D 1 -20.15 5.28 -2.26
N VAL D 2 -20.02 3.99 -2.49
CA VAL D 2 -21.07 3.21 -3.16
C VAL D 2 -22.02 2.66 -2.12
N GLN D 3 -23.32 2.89 -2.32
CA GLN D 3 -24.34 2.41 -1.40
C GLN D 3 -25.46 1.71 -2.14
N LEU D 4 -25.99 0.66 -1.53
CA LEU D 4 -27.13 -0.08 -2.04
C LEU D 4 -28.13 -0.23 -0.91
N GLN D 5 -29.28 0.43 -1.03
CA GLN D 5 -30.32 0.41 0.00
C GLN D 5 -31.49 -0.42 -0.51
N GLN D 6 -31.86 -1.44 0.24
CA GLN D 6 -32.92 -2.33 -0.21
C GLN D 6 -34.24 -1.99 0.48
N SER D 7 -35.32 -2.56 -0.06
CA SER D 7 -36.66 -2.19 0.38
C SER D 7 -36.94 -2.60 1.83
N GLY D 8 -36.46 -3.77 2.24
CA GLY D 8 -36.70 -4.24 3.59
C GLY D 8 -37.44 -5.55 3.63
N PRO D 9 -37.72 -6.04 4.85
CA PRO D 9 -38.30 -7.38 5.00
C PRO D 9 -39.69 -7.47 4.39
N GLU D 10 -40.06 -8.67 3.96
CA GLU D 10 -41.40 -8.87 3.41
C GLU D 10 -41.90 -10.25 3.77
N LEU D 11 -43.23 -10.34 3.93
CA LEU D 11 -43.93 -11.58 4.29
C LEU D 11 -44.98 -11.87 3.24
N VAL D 12 -44.93 -13.08 2.67
CA VAL D 12 -45.85 -13.48 1.61
C VAL D 12 -46.37 -14.89 1.90
N LYS D 13 -47.48 -15.22 1.25
CA LYS D 13 -48.11 -16.53 1.35
C LYS D 13 -47.52 -17.47 0.30
N PRO D 14 -47.62 -18.78 0.52
CA PRO D 14 -47.14 -19.74 -0.48
C PRO D 14 -47.85 -19.56 -1.82
N GLY D 15 -47.09 -19.68 -2.89
CA GLY D 15 -47.60 -19.48 -4.23
C GLY D 15 -47.59 -18.04 -4.71
N ALA D 16 -47.25 -17.10 -3.85
CA ALA D 16 -47.26 -15.70 -4.24
C ALA D 16 -45.98 -15.33 -4.98
N SER D 17 -46.05 -14.22 -5.71
CA SER D 17 -44.91 -13.62 -6.39
C SER D 17 -44.69 -12.24 -5.80
N MET D 18 -43.43 -11.78 -5.80
CA MET D 18 -43.16 -10.45 -5.27
C MET D 18 -41.93 -9.87 -5.93
N LYS D 19 -41.70 -8.59 -5.68
CA LYS D 19 -40.58 -7.86 -6.26
C LYS D 19 -39.71 -7.28 -5.17
N ILE D 20 -38.40 -7.46 -5.31
CA ILE D 20 -37.40 -6.92 -4.41
C ILE D 20 -36.67 -5.82 -5.16
N SER D 21 -36.70 -4.62 -4.61
CA SER D 21 -36.07 -3.45 -5.19
C SER D 21 -34.75 -3.14 -4.47
N CYS D 22 -33.86 -2.46 -5.19
CA CYS D 22 -32.58 -2.08 -4.63
C CYS D 22 -32.20 -0.74 -5.25
N LYS D 23 -32.20 0.31 -4.43
CA LYS D 23 -31.86 1.65 -4.88
C LYS D 23 -30.37 1.89 -4.64
N THR D 24 -29.65 2.21 -5.70
CA THR D 24 -28.21 2.40 -5.63
C THR D 24 -27.87 3.88 -5.70
N SER D 25 -26.75 4.22 -5.06
CA SER D 25 -26.32 5.62 -5.05
C SER D 25 -24.81 5.67 -4.85
N GLY D 26 -24.25 6.84 -5.16
CA GLY D 26 -22.83 7.08 -5.03
C GLY D 26 -22.04 6.90 -6.32
N TYR D 27 -22.65 6.32 -7.34
CA TYR D 27 -21.96 6.08 -8.61
C TYR D 27 -22.97 6.13 -9.73
N SER D 28 -22.46 6.24 -10.96
CA SER D 28 -23.33 6.31 -12.13
C SER D 28 -23.99 4.96 -12.38
N PHE D 29 -25.31 4.97 -12.55
CA PHE D 29 -26.00 3.79 -13.01
C PHE D 29 -25.63 3.52 -14.46
N THR D 30 -26.09 2.40 -15.00
CA THR D 30 -25.68 1.93 -16.33
C THR D 30 -24.16 1.81 -16.40
N GLY D 31 -23.57 1.43 -15.28
CA GLY D 31 -22.15 1.19 -15.18
C GLY D 31 -21.85 -0.28 -14.96
N TYR D 32 -21.65 -0.66 -13.71
CA TYR D 32 -21.16 -1.97 -13.34
C TYR D 32 -22.30 -2.98 -13.27
N THR D 33 -21.97 -4.24 -13.53
CA THR D 33 -22.96 -5.30 -13.58
C THR D 33 -23.54 -5.55 -12.19
N MET D 34 -24.83 -5.92 -12.15
CA MET D 34 -25.52 -6.21 -10.89
C MET D 34 -25.69 -7.71 -10.74
N ASN D 35 -25.33 -8.24 -9.57
CA ASN D 35 -25.40 -9.66 -9.28
C ASN D 35 -26.31 -9.90 -8.09
N TRP D 36 -27.05 -11.01 -8.13
CA TRP D 36 -27.99 -11.35 -7.06
C TRP D 36 -27.52 -12.61 -6.36
N VAL D 37 -27.58 -12.60 -5.02
CA VAL D 37 -27.10 -13.73 -4.21
C VAL D 37 -28.18 -14.10 -3.20
N LYS D 38 -28.40 -15.39 -3.03
CA LYS D 38 -29.37 -15.91 -2.06
C LYS D 38 -28.64 -16.66 -0.98
N GLN D 39 -28.81 -16.24 0.27
CA GLN D 39 -28.28 -16.94 1.42
C GLN D 39 -29.41 -17.70 2.10
N SER D 40 -29.19 -18.99 2.30
CA SER D 40 -30.19 -19.93 2.79
C SER D 40 -29.68 -20.64 4.04
N HIS D 41 -30.60 -20.99 4.92
CA HIS D 41 -30.34 -21.68 6.18
C HIS D 41 -29.43 -20.88 7.11
N GLY D 42 -29.04 -19.67 6.72
CA GLY D 42 -28.08 -18.91 7.47
C GLY D 42 -26.65 -19.38 7.33
N LYS D 43 -26.39 -20.37 6.48
CA LYS D 43 -25.04 -20.93 6.38
C LYS D 43 -24.47 -20.90 4.97
N ASN D 44 -25.28 -21.26 3.97
CA ASN D 44 -24.78 -21.55 2.63
C ASN D 44 -25.03 -20.39 1.68
N LEU D 45 -24.04 -20.11 0.84
CA LEU D 45 -24.15 -19.09 -0.19
C LEU D 45 -24.49 -19.74 -1.52
N GLU D 46 -25.11 -18.96 -2.40
CA GLU D 46 -25.58 -19.43 -3.69
C GLU D 46 -25.46 -18.29 -4.68
N TRP D 47 -25.77 -18.57 -5.95
CA TRP D 47 -25.67 -17.59 -7.02
C TRP D 47 -26.95 -17.65 -7.84
N ILE D 48 -27.60 -16.51 -8.03
CA ILE D 48 -28.81 -16.46 -8.85
C ILE D 48 -28.49 -16.03 -10.28
N GLY D 49 -27.84 -14.89 -10.46
CA GLY D 49 -27.52 -14.46 -11.81
C GLY D 49 -27.05 -13.02 -11.83
N LEU D 50 -26.96 -12.50 -13.05
CA LEU D 50 -26.45 -11.14 -13.29
C LEU D 50 -27.23 -10.43 -14.39
N ILE D 51 -27.23 -9.10 -14.30
CA ILE D 51 -27.92 -8.21 -15.24
C ILE D 51 -27.07 -6.95 -15.47
N ASN D 52 -27.07 -6.49 -16.72
CA ASN D 52 -26.28 -5.33 -17.15
C ASN D 52 -27.18 -4.10 -17.18
N PRO D 53 -26.81 -2.98 -16.56
CA PRO D 53 -27.79 -1.89 -16.39
C PRO D 53 -28.18 -1.22 -17.70
N TYR D 54 -27.39 -1.46 -18.74
CA TYR D 54 -27.34 -0.63 -19.95
C TYR D 54 -27.96 -1.36 -21.14
N ASN D 55 -27.51 -2.57 -21.40
CA ASN D 55 -28.16 -3.48 -22.33
C ASN D 55 -28.82 -4.56 -21.49
N GLY D 56 -30.13 -4.74 -21.66
CA GLY D 56 -30.86 -5.64 -20.80
C GLY D 56 -30.56 -7.10 -21.06
N ASP D 57 -29.28 -7.46 -20.98
CA ASP D 57 -28.83 -8.83 -21.19
C ASP D 57 -28.59 -9.48 -19.84
N THR D 58 -29.27 -10.59 -19.59
CA THR D 58 -29.29 -11.26 -18.31
C THR D 58 -28.77 -12.69 -18.46
N SER D 59 -28.10 -13.19 -17.42
CA SER D 59 -27.72 -14.60 -17.41
C SER D 59 -28.04 -15.21 -16.04
N TYR D 60 -28.73 -16.35 -16.07
CA TYR D 60 -29.21 -17.10 -14.90
C TYR D 60 -28.37 -18.36 -14.72
N ASN D 61 -28.45 -18.95 -13.52
CA ASN D 61 -27.51 -20.01 -13.21
C ASN D 61 -27.91 -21.35 -13.81
N GLN D 62 -28.81 -22.11 -13.16
CA GLN D 62 -29.43 -23.26 -13.80
C GLN D 62 -30.87 -23.46 -13.36
N LYS D 63 -31.10 -23.34 -12.05
CA LYS D 63 -32.35 -23.75 -11.42
C LYS D 63 -33.25 -22.57 -11.09
N PHE D 64 -32.77 -21.36 -11.33
CA PHE D 64 -33.56 -20.15 -11.16
C PHE D 64 -34.19 -19.69 -12.47
N LYS D 65 -34.00 -20.43 -13.55
CA LYS D 65 -34.62 -20.10 -14.83
C LYS D 65 -36.12 -20.36 -14.74
N GLY D 66 -36.91 -19.32 -14.94
CA GLY D 66 -38.33 -19.39 -14.70
C GLY D 66 -38.72 -19.27 -13.25
N LYS D 67 -37.74 -19.12 -12.35
CA LYS D 67 -37.99 -18.91 -10.94
C LYS D 67 -37.79 -17.48 -10.49
N ALA D 68 -36.81 -16.77 -11.05
CA ALA D 68 -36.58 -15.37 -10.75
C ALA D 68 -36.28 -14.63 -12.03
N THR D 69 -36.73 -13.38 -12.11
CA THR D 69 -36.45 -12.53 -13.27
C THR D 69 -35.83 -11.22 -12.80
N LEU D 70 -34.94 -10.68 -13.63
CA LEU D 70 -34.22 -9.46 -13.27
C LEU D 70 -34.60 -8.34 -14.23
N THR D 71 -34.66 -7.11 -13.70
CA THR D 71 -34.93 -5.95 -14.54
C THR D 71 -34.38 -4.71 -13.85
N VAL D 72 -34.33 -3.60 -14.60
CA VAL D 72 -33.82 -2.36 -14.04
C VAL D 72 -34.74 -1.20 -14.42
N ASP D 73 -34.64 -0.13 -13.63
CA ASP D 73 -35.29 1.15 -13.87
C ASP D 73 -34.15 2.16 -13.91
N LYS D 74 -33.82 2.61 -15.12
CA LYS D 74 -32.72 3.53 -15.32
C LYS D 74 -32.99 4.89 -14.69
N SER D 75 -34.22 5.39 -14.85
CA SER D 75 -34.55 6.73 -14.37
C SER D 75 -34.46 6.82 -12.85
N SER D 76 -34.90 5.78 -12.15
CA SER D 76 -34.89 5.77 -10.69
C SER D 76 -33.61 5.15 -10.12
N SER D 77 -32.69 4.71 -10.97
CA SER D 77 -31.46 4.06 -10.54
C SER D 77 -31.77 2.87 -9.63
N THR D 78 -32.72 2.04 -10.05
CA THR D 78 -33.24 0.99 -9.16
C THR D 78 -33.22 -0.36 -9.87
N ALA D 79 -32.66 -1.36 -9.21
CA ALA D 79 -32.67 -2.71 -9.76
C ALA D 79 -33.77 -3.54 -9.10
N TYR D 80 -34.32 -4.50 -9.85
CA TYR D 80 -35.43 -5.31 -9.39
C TYR D 80 -35.17 -6.79 -9.66
N MET D 81 -35.56 -7.62 -8.71
CA MET D 81 -35.71 -9.05 -8.95
C MET D 81 -37.11 -9.49 -8.56
N GLU D 82 -37.76 -10.23 -9.45
CA GLU D 82 -39.10 -10.75 -9.24
C GLU D 82 -39.01 -12.23 -8.92
N LEU D 83 -39.55 -12.60 -7.76
CA LEU D 83 -39.63 -13.98 -7.29
C LEU D 83 -40.99 -14.55 -7.63
N LEU D 84 -41.00 -15.73 -8.22
CA LEU D 84 -42.21 -16.38 -8.71
C LEU D 84 -42.45 -17.69 -7.97
N SER D 85 -43.73 -17.98 -7.70
CA SER D 85 -44.17 -19.25 -7.13
C SER D 85 -43.38 -19.60 -5.86
N LEU D 86 -43.36 -18.66 -4.92
CA LEU D 86 -42.59 -18.84 -3.70
C LEU D 86 -43.16 -19.96 -2.86
N THR D 87 -42.28 -20.77 -2.28
CA THR D 87 -42.65 -21.89 -1.43
C THR D 87 -41.93 -21.77 -0.09
N SER D 88 -42.06 -22.81 0.73
CA SER D 88 -41.48 -22.79 2.07
C SER D 88 -39.96 -22.78 2.06
N GLU D 89 -39.33 -23.25 0.98
CA GLU D 89 -37.88 -23.28 0.87
C GLU D 89 -37.29 -21.98 0.34
N ASP D 90 -38.13 -21.00 0.02
CA ASP D 90 -37.66 -19.73 -0.53
C ASP D 90 -37.43 -18.67 0.53
N SER D 91 -37.79 -18.93 1.79
CA SER D 91 -37.53 -17.97 2.86
C SER D 91 -36.03 -17.83 3.05
N ALA D 92 -35.50 -16.62 2.85
CA ALA D 92 -34.05 -16.48 2.80
C ALA D 92 -33.66 -15.03 2.90
N VAL D 93 -32.36 -14.78 2.77
CA VAL D 93 -31.84 -13.41 2.72
C VAL D 93 -31.29 -13.18 1.33
N TYR D 94 -31.74 -12.13 0.66
CA TYR D 94 -31.33 -11.85 -0.71
C TYR D 94 -30.50 -10.57 -0.74
N TYR D 95 -29.32 -10.66 -1.33
CA TYR D 95 -28.36 -9.57 -1.41
C TYR D 95 -28.13 -9.16 -2.86
N CYS D 96 -27.85 -7.88 -3.05
CA CYS D 96 -27.43 -7.31 -4.32
C CYS D 96 -25.96 -6.92 -4.20
N GLU D 97 -25.20 -7.13 -5.27
CA GLU D 97 -23.79 -6.83 -5.24
C GLU D 97 -23.34 -6.28 -6.59
N VAL D 98 -22.23 -5.56 -6.57
CA VAL D 98 -21.75 -4.88 -7.77
C VAL D 98 -20.52 -5.58 -8.32
N ILE D 99 -19.42 -5.57 -7.58
CA ILE D 99 -18.17 -6.21 -8.01
C ILE D 99 -17.63 -7.13 -6.93
N ASN D 100 -18.53 -7.72 -6.14
CA ASN D 100 -18.23 -8.61 -5.02
C ASN D 100 -17.62 -7.88 -3.83
N THR D 101 -17.42 -6.56 -3.90
CA THR D 101 -16.91 -5.78 -2.78
C THR D 101 -17.95 -4.89 -2.12
N TYR D 102 -19.00 -4.50 -2.84
CA TYR D 102 -20.05 -3.64 -2.31
C TYR D 102 -21.36 -4.42 -2.27
N TRP D 103 -21.90 -4.60 -1.06
CA TRP D 103 -23.07 -5.43 -0.84
C TRP D 103 -24.18 -4.60 -0.22
N GLY D 104 -25.42 -5.04 -0.43
CA GLY D 104 -26.56 -4.42 0.19
C GLY D 104 -26.75 -4.88 1.62
N GLN D 105 -27.81 -4.35 2.24
CA GLN D 105 -28.10 -4.71 3.62
C GLN D 105 -28.70 -6.11 3.72
N GLY D 106 -29.34 -6.59 2.67
CA GLY D 106 -29.99 -7.88 2.71
C GLY D 106 -31.47 -7.78 2.99
N THR D 107 -32.29 -8.33 2.09
CA THR D 107 -33.73 -8.32 2.26
C THR D 107 -34.17 -9.70 2.74
N LEU D 108 -34.87 -9.73 3.87
CA LEU D 108 -35.36 -10.97 4.45
C LEU D 108 -36.75 -11.25 3.89
N VAL D 109 -36.89 -12.39 3.22
CA VAL D 109 -38.15 -12.79 2.61
C VAL D 109 -38.67 -14.01 3.37
N THR D 110 -39.86 -13.88 3.94
CA THR D 110 -40.52 -14.95 4.68
C THR D 110 -41.77 -15.39 3.92
N VAL D 111 -41.90 -16.70 3.72
CA VAL D 111 -43.05 -17.27 3.03
C VAL D 111 -43.86 -18.05 4.04
N SER D 112 -45.03 -17.53 4.40
CA SER D 112 -45.90 -18.21 5.36
C SER D 112 -47.29 -17.61 5.28
N ALA D 113 -48.29 -18.43 5.63
CA ALA D 113 -49.67 -18.01 5.70
C ALA D 113 -50.12 -17.72 7.12
N ALA D 114 -49.20 -17.73 8.08
CA ALA D 114 -49.57 -17.52 9.47
C ALA D 114 -49.83 -16.03 9.75
N LYS D 115 -50.64 -15.79 10.77
CA LYS D 115 -51.04 -14.43 11.11
C LYS D 115 -49.91 -13.69 11.82
N THR D 116 -49.75 -12.41 11.52
CA THR D 116 -48.78 -11.55 12.18
C THR D 116 -49.41 -10.97 13.45
N THR D 117 -48.71 -11.10 14.56
CA THR D 117 -49.24 -10.66 15.85
C THR D 117 -48.29 -9.67 16.51
N PRO D 118 -48.81 -8.73 17.30
CA PRO D 118 -47.94 -7.79 17.99
C PRO D 118 -47.24 -8.46 19.16
N PRO D 119 -46.10 -7.93 19.59
CA PRO D 119 -45.38 -8.56 20.71
C PRO D 119 -45.96 -8.15 22.06
N SER D 120 -45.68 -8.98 23.06
CA SER D 120 -46.00 -8.69 24.45
C SER D 120 -44.71 -8.62 25.25
N VAL D 121 -44.55 -7.55 26.03
CA VAL D 121 -43.30 -7.24 26.71
C VAL D 121 -43.50 -7.43 28.21
N TYR D 122 -42.62 -8.22 28.83
CA TYR D 122 -42.65 -8.47 30.26
C TYR D 122 -41.30 -8.11 30.87
N PRO D 123 -41.25 -7.19 31.82
CA PRO D 123 -39.96 -6.82 32.42
C PRO D 123 -39.47 -7.86 33.42
N LEU D 124 -38.17 -7.83 33.68
CA LEU D 124 -37.52 -8.74 34.61
C LEU D 124 -36.63 -7.94 35.55
N ALA D 125 -36.97 -7.97 36.84
CA ALA D 125 -36.22 -7.28 37.87
C ALA D 125 -36.14 -8.17 39.10
N PRO D 126 -35.10 -8.03 39.92
CA PRO D 126 -35.01 -8.82 41.17
C PRO D 126 -35.83 -8.20 42.29
N GLY D 127 -37.15 -8.14 42.09
CA GLY D 127 -38.04 -7.55 43.06
C GLY D 127 -38.03 -8.25 44.41
N SER D 128 -37.84 -7.48 45.48
CA SER D 128 -37.82 -7.98 46.85
C SER D 128 -36.75 -9.06 47.06
N ALA D 129 -35.79 -9.15 46.13
CA ALA D 129 -34.70 -10.11 46.25
C ALA D 129 -33.54 -9.60 47.08
N ALA D 130 -33.56 -8.33 47.47
CA ALA D 130 -32.51 -7.71 48.30
C ALA D 130 -31.14 -7.87 47.64
N GLN D 131 -31.11 -7.73 46.32
CA GLN D 131 -29.86 -7.81 45.56
C GLN D 131 -29.33 -6.38 45.37
N THR D 132 -28.49 -5.95 46.31
CA THR D 132 -27.90 -4.62 46.29
C THR D 132 -26.41 -4.63 46.02
N ASN D 133 -25.87 -5.76 45.57
CA ASN D 133 -24.44 -5.89 45.33
C ASN D 133 -24.05 -5.28 43.98
N SER D 134 -22.78 -5.48 43.59
CA SER D 134 -22.25 -4.86 42.39
C SER D 134 -22.77 -5.48 41.10
N MET D 135 -23.41 -6.64 41.16
CA MET D 135 -23.92 -7.33 39.97
C MET D 135 -25.44 -7.33 40.03
N VAL D 136 -26.07 -6.34 39.41
CA VAL D 136 -27.52 -6.25 39.33
C VAL D 136 -27.93 -6.56 37.90
N THR D 137 -28.77 -7.56 37.71
CA THR D 137 -29.20 -7.98 36.39
C THR D 137 -30.63 -7.50 36.14
N LEU D 138 -30.83 -6.77 35.05
CA LEU D 138 -32.16 -6.38 34.61
C LEU D 138 -32.41 -7.01 33.25
N GLY D 139 -33.67 -7.25 32.92
CA GLY D 139 -33.91 -7.92 31.65
C GLY D 139 -35.34 -7.75 31.17
N CYS D 140 -35.62 -8.42 30.06
CA CYS D 140 -36.98 -8.41 29.52
C CYS D 140 -37.20 -9.63 28.65
N LEU D 141 -38.46 -10.04 28.58
CA LEU D 141 -38.93 -11.11 27.70
C LEU D 141 -39.98 -10.55 26.76
N VAL D 142 -39.79 -10.75 25.46
CA VAL D 142 -40.79 -10.37 24.46
C VAL D 142 -41.31 -11.65 23.82
N LYS D 143 -42.64 -11.77 23.78
CA LYS D 143 -43.27 -13.02 23.39
C LYS D 143 -44.35 -12.76 22.34
N GLY D 144 -44.58 -13.78 21.50
CA GLY D 144 -45.74 -13.78 20.63
C GLY D 144 -45.65 -12.89 19.42
N TYR D 145 -44.48 -12.74 18.82
CA TYR D 145 -44.32 -11.96 17.61
C TYR D 145 -44.05 -12.87 16.41
N PHE D 146 -44.00 -12.26 15.23
CA PHE D 146 -43.98 -12.96 13.94
C PHE D 146 -43.68 -11.92 12.87
N PRO D 147 -42.81 -12.20 11.89
CA PRO D 147 -42.00 -13.42 11.69
C PRO D 147 -40.63 -13.40 12.33
N GLU D 148 -39.93 -12.28 12.35
CA GLU D 148 -38.54 -12.28 12.79
C GLU D 148 -38.12 -10.93 13.38
N PRO D 149 -38.08 -9.85 12.58
CA PRO D 149 -37.23 -8.71 12.91
C PRO D 149 -37.78 -7.82 14.02
N VAL D 150 -37.80 -8.36 15.24
CA VAL D 150 -38.07 -7.55 16.42
C VAL D 150 -36.75 -7.07 16.99
N THR D 151 -36.63 -5.77 17.20
CA THR D 151 -35.42 -5.17 17.72
C THR D 151 -35.65 -4.66 19.12
N VAL D 152 -34.80 -5.07 20.05
CA VAL D 152 -34.88 -4.66 21.45
C VAL D 152 -33.65 -3.81 21.75
N THR D 153 -33.88 -2.59 22.23
CA THR D 153 -32.80 -1.66 22.56
C THR D 153 -33.00 -1.16 23.98
N TRP D 154 -31.90 -0.90 24.67
CA TRP D 154 -31.93 -0.47 26.06
C TRP D 154 -31.68 1.03 26.15
N ASN D 155 -32.65 1.76 26.71
CA ASN D 155 -32.56 3.20 26.93
C ASN D 155 -32.21 3.94 25.64
N SER D 156 -32.89 3.56 24.56
CA SER D 156 -32.75 4.22 23.26
C SER D 156 -31.31 4.19 22.75
N GLY D 157 -30.54 3.20 23.16
CA GLY D 157 -29.15 3.08 22.75
C GLY D 157 -28.15 3.57 23.77
N SER D 158 -28.60 4.08 24.92
CA SER D 158 -27.67 4.52 25.94
C SER D 158 -26.87 3.36 26.52
N LEU D 159 -27.52 2.22 26.75
CA LEU D 159 -26.84 1.03 27.27
C LEU D 159 -26.32 0.19 26.11
N SER D 160 -25.27 0.71 25.48
CA SER D 160 -24.67 0.07 24.32
C SER D 160 -23.78 -1.11 24.69
N SER D 161 -23.40 -1.25 25.95
CA SER D 161 -22.51 -2.33 26.38
C SER D 161 -23.08 -2.98 27.63
N GLY D 162 -22.57 -4.18 27.93
CA GLY D 162 -23.09 -4.97 29.01
C GLY D 162 -24.41 -5.66 28.71
N VAL D 163 -24.83 -5.67 27.45
CA VAL D 163 -26.12 -6.22 27.04
C VAL D 163 -25.89 -7.57 26.38
N HIS D 164 -26.63 -8.57 26.85
CA HIS D 164 -26.65 -9.89 26.22
C HIS D 164 -28.03 -10.08 25.61
N THR D 165 -28.07 -10.13 24.29
CA THR D 165 -29.30 -10.39 23.53
C THR D 165 -29.19 -11.77 22.90
N PHE D 166 -30.23 -12.53 23.00
CA PHE D 166 -30.11 -13.90 22.55
C PHE D 166 -30.86 -14.12 21.25
N PRO D 167 -30.51 -15.15 20.48
CA PRO D 167 -31.28 -15.45 19.27
C PRO D 167 -32.71 -15.82 19.62
N ALA D 168 -33.62 -15.50 18.71
CA ALA D 168 -35.02 -15.80 18.91
C ALA D 168 -35.28 -17.30 18.85
N VAL D 169 -36.33 -17.73 19.53
CA VAL D 169 -36.75 -19.13 19.50
C VAL D 169 -38.23 -19.21 19.15
N LEU D 170 -38.66 -20.38 18.71
CA LEU D 170 -40.01 -20.56 18.20
C LEU D 170 -40.76 -21.59 19.06
N GLN D 171 -41.99 -21.24 19.43
CA GLN D 171 -42.91 -22.14 20.11
C GLN D 171 -44.30 -21.94 19.52
N SER D 172 -44.93 -23.03 19.10
CA SER D 172 -46.29 -22.99 18.55
C SER D 172 -46.41 -21.94 17.45
N ASP D 173 -45.44 -21.95 16.53
CA ASP D 173 -45.36 -21.08 15.36
C ASP D 173 -45.14 -19.61 15.72
N LEU D 174 -45.06 -19.26 17.00
CA LEU D 174 -44.81 -17.89 17.42
C LEU D 174 -43.38 -17.76 17.91
N TYR D 175 -42.89 -16.52 17.98
CA TYR D 175 -41.50 -16.27 18.33
C TYR D 175 -41.38 -15.58 19.68
N THR D 176 -40.29 -15.91 20.38
CA THR D 176 -39.98 -15.32 21.68
C THR D 176 -38.49 -14.97 21.72
N LEU D 177 -38.18 -13.96 22.52
CA LEU D 177 -36.84 -13.42 22.62
C LEU D 177 -36.61 -12.91 24.03
N SER D 178 -35.41 -13.11 24.55
CA SER D 178 -35.04 -12.68 25.89
C SER D 178 -33.78 -11.85 25.83
N SER D 179 -33.66 -10.86 26.71
CA SER D 179 -32.45 -10.06 26.74
C SER D 179 -32.20 -9.53 28.14
N SER D 180 -30.93 -9.21 28.41
CA SER D 180 -30.58 -8.67 29.72
C SER D 180 -29.42 -7.70 29.63
N VAL D 181 -29.25 -6.95 30.71
CA VAL D 181 -28.14 -6.02 30.89
C VAL D 181 -27.69 -6.09 32.35
N THR D 182 -26.38 -6.03 32.56
CA THR D 182 -25.79 -6.01 33.88
C THR D 182 -25.44 -4.57 34.25
N VAL D 183 -25.90 -4.14 35.42
CA VAL D 183 -25.71 -2.77 35.88
C VAL D 183 -25.23 -2.81 37.32
N PRO D 184 -24.52 -1.77 37.76
CA PRO D 184 -24.17 -1.67 39.17
C PRO D 184 -25.37 -1.25 40.00
N SER D 185 -25.26 -1.48 41.31
CA SER D 185 -26.34 -1.10 42.23
C SER D 185 -26.51 0.41 42.33
N SER D 186 -25.50 1.19 41.95
CA SER D 186 -25.61 2.64 42.02
C SER D 186 -26.61 3.20 41.04
N THR D 187 -27.01 2.42 40.03
CA THR D 187 -27.97 2.87 39.03
C THR D 187 -29.33 2.20 39.18
N TRP D 188 -29.56 1.46 40.27
CA TRP D 188 -30.82 0.75 40.44
C TRP D 188 -31.18 0.65 41.92
N PRO D 189 -32.40 1.06 42.31
CA PRO D 189 -33.44 1.67 41.48
C PRO D 189 -33.31 3.19 41.41
N SER D 190 -32.09 3.71 41.34
CA SER D 190 -31.90 5.16 41.30
C SER D 190 -32.16 5.73 39.90
N GLU D 191 -32.06 4.92 38.86
CA GLU D 191 -32.27 5.36 37.49
C GLU D 191 -33.34 4.51 36.83
N THR D 192 -34.11 5.14 35.95
CA THR D 192 -35.16 4.44 35.21
C THR D 192 -34.57 3.76 33.99
N VAL D 193 -34.89 2.48 33.82
CA VAL D 193 -34.38 1.67 32.72
C VAL D 193 -35.57 1.26 31.86
N THR D 194 -35.50 1.54 30.56
CA THR D 194 -36.60 1.30 29.64
C THR D 194 -36.15 0.36 28.52
N CYS D 195 -36.97 -0.64 28.24
CA CYS D 195 -36.78 -1.51 27.08
C CYS D 195 -37.62 -0.94 25.94
N ASN D 196 -36.98 -0.78 24.78
CA ASN D 196 -37.63 -0.29 23.57
C ASN D 196 -37.74 -1.45 22.60
N VAL D 197 -38.96 -1.93 22.38
CA VAL D 197 -39.23 -3.09 21.53
C VAL D 197 -39.91 -2.58 20.28
N ALA D 198 -39.28 -2.80 19.13
CA ALA D 198 -39.80 -2.37 17.84
C ALA D 198 -40.10 -3.60 16.99
N HIS D 199 -41.34 -3.68 16.50
CA HIS D 199 -41.80 -4.74 15.60
C HIS D 199 -42.45 -4.07 14.40
N PRO D 200 -41.68 -3.81 13.34
CA PRO D 200 -42.26 -3.18 12.14
C PRO D 200 -43.35 -4.00 11.48
N ALA D 201 -43.26 -5.33 11.51
CA ALA D 201 -44.23 -6.17 10.81
C ALA D 201 -45.65 -5.99 11.36
N SER D 202 -45.79 -5.54 12.60
CA SER D 202 -47.09 -5.20 13.15
C SER D 202 -47.24 -3.71 13.41
N SER D 203 -46.29 -2.91 12.93
CA SER D 203 -46.30 -1.45 13.13
C SER D 203 -46.42 -1.11 14.62
N THR D 204 -45.69 -1.83 15.45
CA THR D 204 -45.83 -1.73 16.90
C THR D 204 -44.51 -1.30 17.53
N LYS D 205 -44.58 -0.35 18.44
CA LYS D 205 -43.42 0.09 19.21
C LYS D 205 -43.84 0.25 20.66
N VAL D 206 -43.15 -0.43 21.56
CA VAL D 206 -43.49 -0.43 22.98
C VAL D 206 -42.26 0.02 23.77
N ASP D 207 -42.45 1.04 24.60
CA ASP D 207 -41.41 1.52 25.52
C ASP D 207 -41.87 1.19 26.93
N LYS D 208 -41.22 0.22 27.56
CA LYS D 208 -41.65 -0.31 28.84
C LYS D 208 -40.53 -0.13 29.86
N LYS D 209 -40.82 0.62 30.93
CA LYS D 209 -39.86 0.86 31.99
C LYS D 209 -39.96 -0.22 33.06
N ILE D 210 -38.81 -0.66 33.56
CA ILE D 210 -38.74 -1.70 34.57
C ILE D 210 -39.05 -1.10 35.94
N VAL D 211 -39.98 -1.71 36.65
CA VAL D 211 -40.42 -1.25 37.97
C VAL D 211 -39.84 -2.21 39.00
N PRO D 212 -38.97 -1.75 39.92
CA PRO D 212 -38.38 -2.67 40.90
C PRO D 212 -39.40 -3.36 41.79
N ARG D 213 -40.50 -2.70 42.13
CA ARG D 213 -41.54 -3.25 42.99
C ARG D 213 -40.97 -3.79 44.31
N ASP E 3 22.62 27.39 -10.08
CA ASP E 3 22.68 28.39 -9.03
C ASP E 3 21.29 28.90 -8.68
N ILE E 4 20.37 27.99 -8.39
CA ILE E 4 19.00 28.33 -8.04
C ILE E 4 18.86 28.24 -6.53
N VAL E 5 18.44 29.33 -5.91
CA VAL E 5 18.42 29.45 -4.46
C VAL E 5 17.05 29.07 -3.93
N MET E 6 17.05 28.32 -2.82
CA MET E 6 15.84 27.92 -2.13
C MET E 6 15.96 28.20 -0.65
N THR E 7 14.88 28.70 -0.05
CA THR E 7 14.91 29.06 1.35
C THR E 7 13.71 28.47 2.08
N GLN E 8 13.94 28.13 3.35
CA GLN E 8 12.90 27.68 4.26
C GLN E 8 12.62 28.77 5.29
N SER E 9 11.33 29.01 5.56
CA SER E 9 10.98 30.13 6.44
C SER E 9 11.42 29.88 7.88
N PRO E 10 10.99 28.81 8.56
CA PRO E 10 11.44 28.62 9.94
C PRO E 10 12.84 28.05 10.00
N ALA E 11 13.57 28.46 11.03
CA ALA E 11 14.85 27.83 11.32
C ALA E 11 14.69 26.57 12.16
N SER E 12 13.69 26.53 13.03
CA SER E 12 13.40 25.35 13.83
C SER E 12 11.95 25.42 14.30
N LEU E 13 11.43 24.27 14.68
CA LEU E 13 10.06 24.15 15.18
C LEU E 13 10.06 23.52 16.56
N ALA E 14 9.15 23.99 17.41
CA ALA E 14 8.91 23.42 18.73
C ALA E 14 7.44 23.02 18.78
N VAL E 15 7.18 21.73 18.61
CA VAL E 15 5.83 21.21 18.44
C VAL E 15 5.56 20.16 19.51
N SER E 16 4.44 20.28 20.19
CA SER E 16 4.03 19.28 21.17
C SER E 16 3.42 18.07 20.47
N LEU E 17 3.30 16.98 21.22
CA LEU E 17 2.79 15.73 20.66
C LEU E 17 1.33 15.87 20.25
N GLY E 18 1.00 15.32 19.09
CA GLY E 18 -0.35 15.33 18.59
C GLY E 18 -0.74 16.57 17.81
N GLN E 19 0.13 17.58 17.75
CA GLN E 19 -0.15 18.82 17.06
C GLN E 19 0.53 18.84 15.71
N ARG E 20 0.02 19.70 14.83
CA ARG E 20 0.53 19.77 13.46
C ARG E 20 1.80 20.61 13.39
N ALA E 21 2.76 20.13 12.60
CA ALA E 21 3.99 20.87 12.31
C ALA E 21 4.04 21.18 10.82
N THR E 22 4.53 22.37 10.48
CA THR E 22 4.57 22.82 9.09
C THR E 22 5.93 23.42 8.78
N ILE E 23 6.44 23.11 7.59
CA ILE E 23 7.68 23.70 7.09
C ILE E 23 7.41 24.20 5.68
N SER E 24 7.78 25.44 5.42
CA SER E 24 7.53 26.05 4.12
C SER E 24 8.85 26.35 3.41
N CYS E 25 8.82 26.31 2.09
CA CYS E 25 9.99 26.59 1.27
C CYS E 25 9.59 27.38 0.03
N LYS E 26 10.45 28.31 -0.35
CA LYS E 26 10.26 29.14 -1.53
C LYS E 26 11.46 29.03 -2.46
N ALA E 27 11.16 29.02 -3.75
CA ALA E 27 12.15 28.88 -4.81
C ALA E 27 12.18 30.13 -5.68
N SER E 28 13.36 30.48 -6.17
CA SER E 28 13.49 31.64 -7.05
C SER E 28 12.97 31.36 -8.45
N GLN E 29 12.81 30.09 -8.83
CA GLN E 29 12.34 29.71 -10.14
C GLN E 29 11.03 28.93 -10.02
N SER E 30 10.20 29.04 -11.04
CA SER E 30 8.90 28.40 -11.04
C SER E 30 8.94 26.95 -11.55
N ILE E 31 10.10 26.48 -12.00
CA ILE E 31 10.26 25.13 -12.53
C ILE E 31 9.34 24.95 -13.74
N ASP E 32 8.05 24.74 -13.48
CA ASP E 32 7.01 24.68 -14.51
C ASP E 32 7.46 23.92 -15.76
N TYR E 33 7.88 22.67 -15.55
CA TYR E 33 8.23 21.80 -16.64
C TYR E 33 6.99 21.02 -17.06
N ASP E 34 6.43 21.39 -18.23
CA ASP E 34 5.25 20.74 -18.78
C ASP E 34 4.07 20.83 -17.80
N GLY E 35 4.07 21.89 -17.00
CA GLY E 35 3.03 22.11 -16.01
C GLY E 35 3.26 21.41 -14.68
N ASP E 36 4.32 20.63 -14.54
CA ASP E 36 4.61 19.90 -13.31
C ASP E 36 5.77 20.55 -12.57
N ASN E 37 5.58 20.74 -11.27
CA ASN E 37 6.64 21.27 -10.41
C ASN E 37 7.43 20.12 -9.81
N TYR E 38 8.66 20.42 -9.42
CA TYR E 38 9.56 19.42 -8.86
C TYR E 38 10.10 19.89 -7.51
N MET E 39 10.04 19.00 -6.51
CA MET E 39 10.56 19.30 -5.19
C MET E 39 10.68 18.02 -4.36
N ASN E 40 11.84 17.83 -3.74
CA ASN E 40 12.15 16.67 -2.91
C ASN E 40 12.33 17.11 -1.47
N TRP E 41 11.76 16.34 -0.54
CA TRP E 41 11.90 16.55 0.89
C TRP E 41 12.62 15.38 1.52
N TYR E 42 13.68 15.68 2.26
CA TYR E 42 14.61 14.73 2.86
C TYR E 42 14.60 14.86 4.38
N GLN E 43 14.99 13.76 5.06
CA GLN E 43 15.11 13.71 6.50
C GLN E 43 16.46 13.13 6.90
N GLN E 44 17.10 13.72 7.91
CA GLN E 44 18.39 13.25 8.40
C GLN E 44 18.44 13.28 9.92
N LYS E 45 19.02 12.23 10.50
CA LYS E 45 19.25 12.07 11.93
C LYS E 45 20.74 12.11 12.23
N PRO E 46 21.13 12.44 13.46
CA PRO E 46 22.56 12.52 13.79
C PRO E 46 23.26 11.18 13.57
N GLY E 47 24.46 11.25 12.98
CA GLY E 47 25.27 10.08 12.74
C GLY E 47 24.85 9.21 11.58
N GLN E 48 23.86 9.63 10.78
CA GLN E 48 23.35 8.81 9.71
C GLN E 48 23.23 9.62 8.43
N PRO E 49 23.27 8.97 7.26
CA PRO E 49 23.02 9.67 6.01
C PRO E 49 21.54 9.98 5.85
N PRO E 50 21.18 10.95 5.01
CA PRO E 50 19.77 11.30 4.86
C PRO E 50 18.98 10.21 4.14
N LYS E 51 17.66 10.31 4.25
CA LYS E 51 16.74 9.43 3.54
C LYS E 51 15.64 10.25 2.90
N LEU E 52 15.15 9.77 1.76
CA LEU E 52 14.17 10.52 0.99
C LEU E 52 12.77 10.30 1.58
N LEU E 53 12.01 11.40 1.70
CA LEU E 53 10.64 11.35 2.19
C LEU E 53 9.62 11.64 1.11
N ILE E 54 9.79 12.71 0.34
CA ILE E 54 8.80 13.13 -0.64
C ILE E 54 9.51 13.49 -1.94
N TYR E 55 8.95 13.06 -3.09
CA TYR E 55 9.49 13.43 -4.39
C TYR E 55 8.41 14.00 -5.29
N THR E 56 8.83 14.94 -6.16
CA THR E 56 7.96 15.62 -7.13
C THR E 56 6.76 16.28 -6.45
N THR E 57 7.02 16.86 -5.29
CA THR E 57 6.14 17.77 -4.54
C THR E 57 4.91 17.10 -3.93
N SER E 58 4.56 15.89 -4.35
CA SER E 58 3.40 15.26 -3.71
C SER E 58 3.48 13.75 -3.63
N ASN E 59 4.54 13.14 -4.14
CA ASN E 59 4.61 11.69 -4.26
C ASN E 59 5.31 11.12 -3.04
N LEU E 60 4.53 10.48 -2.17
CA LEU E 60 5.08 9.93 -0.94
C LEU E 60 5.98 8.74 -1.25
N GLU E 61 7.17 8.75 -0.66
CA GLU E 61 8.11 7.65 -0.87
C GLU E 61 7.63 6.40 -0.14
N SER E 62 7.86 5.25 -0.76
CA SER E 62 7.43 3.98 -0.18
C SER E 62 8.11 3.75 1.17
N GLY E 63 7.33 3.31 2.16
CA GLY E 63 7.81 3.12 3.50
C GLY E 63 7.64 4.31 4.43
N ILE E 64 7.25 5.46 3.89
CA ILE E 64 7.04 6.66 4.70
C ILE E 64 5.58 6.72 5.11
N PRO E 65 5.28 6.95 6.40
CA PRO E 65 3.88 6.99 6.84
C PRO E 65 3.13 8.16 6.23
N ALA E 66 1.81 8.01 6.15
CA ALA E 66 0.95 9.01 5.55
C ALA E 66 0.90 10.30 6.35
N ARG E 67 1.47 10.34 7.56
CA ARG E 67 1.52 11.56 8.34
C ARG E 67 2.28 12.67 7.63
N PHE E 68 3.17 12.34 6.70
CA PHE E 68 3.91 13.32 5.93
C PHE E 68 3.14 13.64 4.66
N SER E 69 2.64 14.87 4.55
CA SER E 69 1.88 15.31 3.38
C SER E 69 2.61 16.50 2.77
N GLY E 70 3.04 16.35 1.52
CA GLY E 70 3.69 17.43 0.80
C GLY E 70 2.75 18.02 -0.24
N SER E 71 2.82 19.34 -0.40
CA SER E 71 1.96 20.00 -1.37
C SER E 71 2.60 21.33 -1.76
N GLY E 72 1.91 22.06 -2.62
CA GLY E 72 2.37 23.35 -3.09
C GLY E 72 2.27 23.44 -4.60
N SER E 73 2.61 24.63 -5.10
CA SER E 73 2.60 24.88 -6.54
C SER E 73 3.37 26.16 -6.81
N GLY E 74 3.65 26.39 -8.09
CA GLY E 74 4.41 27.56 -8.48
C GLY E 74 5.76 27.59 -7.80
N THR E 75 5.94 28.58 -6.93
CA THR E 75 7.17 28.76 -6.17
C THR E 75 6.97 28.57 -4.67
N ASP E 76 5.83 28.03 -4.25
CA ASP E 76 5.52 27.85 -2.84
C ASP E 76 5.33 26.37 -2.57
N PHE E 77 6.10 25.82 -1.63
CA PHE E 77 6.05 24.40 -1.31
C PHE E 77 5.95 24.22 0.19
N THR E 78 5.19 23.22 0.64
CA THR E 78 4.89 23.08 2.05
C THR E 78 4.84 21.60 2.45
N LEU E 79 5.48 21.30 3.58
CA LEU E 79 5.50 19.97 4.18
C LEU E 79 4.71 20.04 5.48
N ASN E 80 3.69 19.18 5.59
CA ASN E 80 2.80 19.12 6.74
C ASN E 80 2.96 17.78 7.43
N ILE E 81 3.18 17.80 8.73
CA ILE E 81 3.24 16.60 9.57
C ILE E 81 2.14 16.74 10.61
N HIS E 82 0.99 16.11 10.38
CA HIS E 82 -0.16 16.36 11.25
C HIS E 82 -0.04 15.62 12.58
N PRO E 83 0.02 14.28 12.61
CA PRO E 83 0.08 13.64 13.94
C PRO E 83 1.52 13.45 14.41
N VAL E 84 2.14 14.55 14.83
CA VAL E 84 3.53 14.51 15.25
C VAL E 84 3.69 13.61 16.46
N GLU E 85 4.63 12.68 16.38
CA GLU E 85 4.92 11.75 17.46
C GLU E 85 6.31 12.03 18.03
N GLU E 86 6.67 11.27 19.06
CA GLU E 86 7.93 11.51 19.76
C GLU E 86 9.15 11.13 18.92
N GLY E 87 8.97 10.28 17.91
CA GLY E 87 10.07 9.90 17.04
C GLY E 87 10.40 10.86 15.93
N ASP E 88 9.58 11.90 15.75
CA ASP E 88 9.80 12.88 14.69
C ASP E 88 10.73 13.98 15.21
N ALA E 89 12.01 13.63 15.32
CA ALA E 89 13.04 14.56 15.77
C ALA E 89 14.24 14.43 14.84
N ALA E 90 14.26 15.26 13.80
CA ALA E 90 15.30 15.17 12.77
C ALA E 90 15.36 16.50 12.04
N THR E 91 16.26 16.58 11.06
CA THR E 91 16.42 17.77 10.24
C THR E 91 15.89 17.50 8.84
N TYR E 92 15.08 18.43 8.32
CA TYR E 92 14.40 18.26 7.05
C TYR E 92 14.94 19.22 6.00
N TYR E 93 15.12 18.70 4.79
CA TYR E 93 15.78 19.42 3.70
C TYR E 93 14.90 19.42 2.45
N CYS E 94 15.18 20.36 1.56
CA CYS E 94 14.52 20.44 0.26
C CYS E 94 15.55 20.39 -0.86
N GLN E 95 15.11 19.90 -2.02
CA GLN E 95 15.96 19.81 -3.21
C GLN E 95 15.12 20.03 -4.46
N GLN E 96 15.70 20.69 -5.46
CA GLN E 96 14.97 21.02 -6.68
C GLN E 96 14.71 19.80 -7.55
N ASN E 97 15.75 19.04 -7.87
CA ASN E 97 15.64 17.89 -8.75
C ASN E 97 15.07 18.28 -10.12
N ASN E 98 15.48 19.45 -10.61
CA ASN E 98 15.02 19.93 -11.91
C ASN E 98 16.15 20.33 -12.85
N GLU E 99 17.22 20.94 -12.34
CA GLU E 99 18.23 21.54 -13.20
C GLU E 99 19.60 20.92 -12.93
N ASP E 100 20.47 21.03 -13.93
CA ASP E 100 21.82 20.48 -13.84
C ASP E 100 22.59 20.95 -12.62
N PRO E 101 22.54 22.23 -12.22
CA PRO E 101 23.10 22.57 -10.90
C PRO E 101 22.09 22.33 -9.78
N TYR E 102 21.92 21.05 -9.43
CA TYR E 102 20.98 20.69 -8.37
C TYR E 102 21.38 21.31 -7.04
N THR E 103 20.41 21.90 -6.36
CA THR E 103 20.67 22.63 -5.12
C THR E 103 19.79 22.09 -4.01
N PHE E 104 20.29 22.25 -2.77
CA PHE E 104 19.57 21.86 -1.57
C PHE E 104 19.19 23.11 -0.79
N GLY E 105 18.26 22.93 0.15
CA GLY E 105 17.88 24.00 1.04
C GLY E 105 18.78 24.06 2.26
N GLY E 106 18.43 24.98 3.17
CA GLY E 106 19.23 25.17 4.35
C GLY E 106 19.04 24.11 5.42
N GLY E 107 17.82 23.60 5.56
CA GLY E 107 17.54 22.61 6.58
C GLY E 107 16.89 23.20 7.82
N THR E 108 15.79 22.58 8.27
CA THR E 108 15.05 23.05 9.43
C THR E 108 14.97 21.93 10.46
N LYS E 109 15.23 22.28 11.72
CA LYS E 109 15.31 21.29 12.79
C LYS E 109 14.00 21.23 13.56
N LEU E 110 13.51 20.02 13.81
CA LEU E 110 12.24 19.82 14.49
C LEU E 110 12.50 19.36 15.93
N GLU E 111 12.02 20.14 16.90
CA GLU E 111 12.13 19.82 18.31
C GLU E 111 10.74 19.59 18.88
N ILE E 112 10.65 18.66 19.84
CA ILE E 112 9.37 18.22 20.39
C ILE E 112 9.25 18.70 21.84
N LYS E 113 8.12 19.31 22.17
CA LYS E 113 7.87 19.78 23.52
C LYS E 113 7.46 18.63 24.44
N ARG E 114 7.65 18.83 25.73
CA ARG E 114 7.34 17.83 26.74
C ARG E 114 7.19 18.54 28.08
N ALA E 115 6.99 17.76 29.14
CA ALA E 115 6.84 18.32 30.47
C ALA E 115 8.20 18.72 31.05
N ASP E 116 8.18 19.68 31.96
CA ASP E 116 9.40 20.11 32.62
C ASP E 116 9.94 19.00 33.51
N ALA E 117 11.27 18.91 33.61
CA ALA E 117 11.91 17.90 34.44
C ALA E 117 13.22 18.44 35.00
N ALA E 118 13.48 18.13 36.26
CA ALA E 118 14.72 18.55 36.90
C ALA E 118 15.86 17.61 36.52
N PRO E 119 17.08 18.13 36.44
CA PRO E 119 18.22 17.26 36.11
C PRO E 119 18.67 16.42 37.29
N THR E 120 19.30 15.30 36.98
CA THR E 120 19.98 14.48 37.98
C THR E 120 21.48 14.79 37.90
N VAL E 121 22.05 15.22 39.02
CA VAL E 121 23.42 15.73 39.07
C VAL E 121 24.31 14.72 39.77
N SER E 122 25.41 14.35 39.11
CA SER E 122 26.38 13.41 39.67
C SER E 122 27.78 13.95 39.47
N ILE E 123 28.60 13.90 40.52
CA ILE E 123 29.95 14.46 40.50
C ILE E 123 30.95 13.32 40.67
N PHE E 124 31.97 13.31 39.81
CA PHE E 124 33.03 12.32 39.82
C PHE E 124 34.37 13.00 40.08
N PRO E 125 35.08 12.54 41.11
CA PRO E 125 36.39 13.10 41.45
C PRO E 125 37.46 12.57 40.52
N PRO E 126 38.64 13.19 40.52
CA PRO E 126 39.71 12.72 39.63
C PRO E 126 40.13 11.28 39.93
N SER E 127 40.52 10.57 38.89
CA SER E 127 40.95 9.19 39.01
C SER E 127 42.40 9.12 39.51
N SER E 128 42.77 7.94 40.01
CA SER E 128 44.12 7.75 40.52
C SER E 128 45.15 7.78 39.40
N GLU E 129 44.79 7.26 38.22
CA GLU E 129 45.74 7.19 37.11
C GLU E 129 46.12 8.59 36.63
N GLN E 130 45.13 9.48 36.46
CA GLN E 130 45.44 10.83 35.99
C GLN E 130 46.21 11.62 37.04
N LEU E 131 45.86 11.45 38.31
CA LEU E 131 46.60 12.13 39.37
C LEU E 131 48.05 11.64 39.42
N THR E 132 48.25 10.33 39.25
CA THR E 132 49.60 9.78 39.22
C THR E 132 50.39 10.34 38.03
N SER E 133 49.76 10.38 36.86
CA SER E 133 50.43 10.93 35.69
C SER E 133 50.65 12.43 35.82
N GLY E 134 49.70 13.14 36.44
CA GLY E 134 49.80 14.59 36.57
C GLY E 134 48.56 15.24 35.98
N GLY E 135 47.89 16.04 36.80
CA GLY E 135 46.65 16.70 36.42
C GLY E 135 45.44 16.02 37.02
N ALA E 136 44.32 16.74 36.93
CA ALA E 136 43.07 16.25 37.51
C ALA E 136 41.91 16.67 36.61
N SER E 137 40.86 15.84 36.63
CA SER E 137 39.66 16.12 35.85
C SER E 137 38.44 15.80 36.71
N VAL E 138 37.66 16.83 37.02
CA VAL E 138 36.44 16.70 37.81
C VAL E 138 35.26 16.72 36.86
N VAL E 139 34.39 15.72 36.95
CA VAL E 139 33.35 15.54 35.93
C VAL E 139 31.98 15.65 36.56
N CYS E 140 31.13 16.52 36.01
CA CYS E 140 29.77 16.73 36.47
C CYS E 140 28.80 16.32 35.36
N PHE E 141 27.87 15.44 35.70
CA PHE E 141 26.87 14.93 34.77
C PHE E 141 25.48 15.42 35.17
N LEU E 142 24.75 15.95 34.20
CA LEU E 142 23.36 16.37 34.38
C LEU E 142 22.52 15.53 33.43
N ASN E 143 21.63 14.72 33.97
CA ASN E 143 20.89 13.74 33.18
C ASN E 143 19.40 14.01 33.19
N ASN E 144 18.80 13.89 32.01
CA ASN E 144 17.34 13.83 31.82
C ASN E 144 16.65 15.10 32.33
N PHE E 145 16.93 16.21 31.67
CA PHE E 145 16.30 17.49 32.02
C PHE E 145 15.69 18.15 30.79
N TYR E 146 14.78 19.10 31.05
CA TYR E 146 14.04 19.89 30.08
C TYR E 146 13.47 21.06 30.86
N PRO E 147 13.68 22.33 30.43
CA PRO E 147 14.40 22.82 29.25
C PRO E 147 15.92 22.67 29.25
N LYS E 148 16.48 22.74 28.04
CA LYS E 148 17.91 22.61 27.84
C LYS E 148 18.69 23.73 28.50
N ASP E 149 18.05 24.86 28.82
CA ASP E 149 18.74 26.03 29.33
C ASP E 149 19.00 25.84 30.82
N ILE E 150 20.16 25.30 31.15
CA ILE E 150 20.61 25.13 32.52
C ILE E 150 21.96 25.82 32.67
N ASN E 151 22.12 26.58 33.75
CA ASN E 151 23.38 27.27 34.04
C ASN E 151 24.16 26.44 35.05
N VAL E 152 25.35 25.98 34.66
CA VAL E 152 26.17 25.12 35.49
C VAL E 152 27.40 25.92 35.92
N LYS E 153 27.65 25.95 37.22
CA LYS E 153 28.73 26.72 37.80
C LYS E 153 29.64 25.82 38.64
N TRP E 154 30.91 26.20 38.71
CA TRP E 154 31.93 25.45 39.44
C TRP E 154 32.52 26.34 40.53
N LYS E 155 32.86 25.73 41.66
CA LYS E 155 33.41 26.46 42.79
C LYS E 155 34.55 25.69 43.43
N ILE E 156 35.66 26.40 43.67
CA ILE E 156 36.84 25.88 44.33
C ILE E 156 36.93 26.54 45.69
N ASP E 157 36.74 25.75 46.75
CA ASP E 157 36.73 26.27 48.12
C ASP E 157 35.72 27.40 48.29
N GLY E 158 34.60 27.28 47.57
CA GLY E 158 33.55 28.27 47.60
C GLY E 158 33.71 29.41 46.63
N SER E 159 34.84 29.49 45.92
CA SER E 159 35.10 30.56 44.97
C SER E 159 34.79 30.07 43.56
N GLU E 160 33.91 30.80 42.87
CA GLU E 160 33.51 30.41 41.52
C GLU E 160 34.70 30.43 40.58
N ARG E 161 34.83 29.36 39.78
CA ARG E 161 35.92 29.22 38.82
C ARG E 161 35.32 28.83 37.48
N GLN E 162 35.22 29.79 36.56
CA GLN E 162 34.74 29.53 35.21
C GLN E 162 35.83 29.02 34.28
N ASN E 163 37.09 29.06 34.72
CA ASN E 163 38.20 28.73 33.84
C ASN E 163 38.45 27.23 33.79
N GLY E 164 38.78 26.73 32.61
CA GLY E 164 39.08 25.32 32.44
C GLY E 164 37.88 24.41 32.43
N VAL E 165 36.72 24.90 32.01
CA VAL E 165 35.48 24.13 32.01
C VAL E 165 35.05 23.89 30.58
N LEU E 166 34.89 22.62 30.21
CA LEU E 166 34.37 22.20 28.91
C LEU E 166 32.96 21.69 29.08
N ASN E 167 32.10 22.00 28.11
CA ASN E 167 30.69 21.63 28.21
C ASN E 167 30.26 20.95 26.92
N SER E 168 29.72 19.74 27.05
CA SER E 168 29.23 18.97 25.91
C SER E 168 27.75 18.68 26.11
N TRP E 169 26.97 18.90 25.05
CA TRP E 169 25.52 18.73 25.06
C TRP E 169 25.13 17.56 24.17
N THR E 170 24.11 16.81 24.59
CA THR E 170 23.56 15.77 23.74
C THR E 170 22.43 16.33 22.88
N ASP E 171 22.07 15.55 21.87
CA ASP E 171 20.86 15.82 21.12
C ASP E 171 19.65 15.35 21.91
N GLN E 172 18.48 15.90 21.57
CA GLN E 172 17.27 15.53 22.28
C GLN E 172 16.99 14.04 22.08
N ASP E 173 16.69 13.36 23.19
CA ASP E 173 16.51 11.92 23.16
C ASP E 173 15.33 11.54 22.27
N SER E 174 15.47 10.40 21.59
CA SER E 174 14.43 9.94 20.67
C SER E 174 13.29 9.21 21.37
N LYS E 175 13.43 8.92 22.66
CA LYS E 175 12.39 8.21 23.41
C LYS E 175 11.79 9.07 24.51
N ASP E 176 12.63 9.64 25.38
CA ASP E 176 12.14 10.46 26.49
C ASP E 176 12.12 11.94 26.17
N SER E 177 12.66 12.36 25.02
CA SER E 177 12.67 13.77 24.61
C SER E 177 13.33 14.66 25.66
N THR E 178 14.41 14.16 26.25
CA THR E 178 15.15 14.88 27.29
C THR E 178 16.53 15.23 26.79
N TYR E 179 17.21 16.08 27.55
CA TYR E 179 18.57 16.50 27.28
C TYR E 179 19.51 16.01 28.37
N SER E 180 20.79 15.88 28.03
CA SER E 180 21.83 15.55 28.99
C SER E 180 23.04 16.44 28.73
N MET E 181 23.85 16.63 29.77
CA MET E 181 24.92 17.61 29.74
C MET E 181 26.12 17.11 30.53
N SER E 182 27.31 17.35 30.00
CA SER E 182 28.55 16.96 30.66
C SER E 182 29.46 18.17 30.80
N SER E 183 29.86 18.46 32.03
CA SER E 183 30.76 19.57 32.32
C SER E 183 32.04 19.00 32.94
N THR E 184 33.19 19.34 32.36
CA THR E 184 34.47 18.82 32.81
C THR E 184 35.38 19.96 33.21
N LEU E 185 35.93 19.90 34.42
CA LEU E 185 36.88 20.88 34.91
C LEU E 185 38.27 20.25 34.91
N THR E 186 39.20 20.90 34.21
CA THR E 186 40.56 20.42 34.08
C THR E 186 41.47 21.25 34.98
N LEU E 187 42.24 20.58 35.83
CA LEU E 187 43.14 21.24 36.76
C LEU E 187 44.55 20.68 36.62
N THR E 188 45.54 21.51 36.95
CA THR E 188 46.92 21.08 36.92
C THR E 188 47.22 20.17 38.11
N LYS E 189 48.41 19.56 38.09
CA LYS E 189 48.79 18.66 39.18
C LYS E 189 49.15 19.42 40.44
N ASP E 190 49.64 20.66 40.31
CA ASP E 190 50.09 21.42 41.47
C ASP E 190 48.99 22.24 42.10
N GLU E 191 48.02 22.70 41.33
CA GLU E 191 46.92 23.50 41.84
C GLU E 191 45.74 22.67 42.32
N TYR E 192 45.83 21.35 42.23
CA TYR E 192 44.77 20.47 42.72
C TYR E 192 44.93 20.15 44.20
N GLU E 193 46.16 19.84 44.62
CA GLU E 193 46.40 19.44 46.00
C GLU E 193 46.31 20.61 46.98
N ARG E 194 46.34 21.85 46.49
CA ARG E 194 46.22 23.01 47.36
C ARG E 194 44.77 23.40 47.65
N HIS E 195 43.81 22.74 47.02
CA HIS E 195 42.39 22.98 47.27
C HIS E 195 41.72 21.66 47.60
N ASN E 196 40.87 21.66 48.62
CA ASN E 196 40.26 20.44 49.11
C ASN E 196 38.77 20.32 48.82
N SER E 197 38.04 21.43 48.77
CA SER E 197 36.59 21.40 48.59
C SER E 197 36.26 21.74 47.14
N TYR E 198 35.50 20.87 46.48
CA TYR E 198 35.11 21.08 45.08
C TYR E 198 33.59 20.98 44.98
N THR E 199 32.97 22.01 44.40
CA THR E 199 31.52 22.10 44.37
C THR E 199 31.03 22.40 42.96
N CYS E 200 29.94 21.74 42.57
CA CYS E 200 29.25 22.01 41.32
C CYS E 200 27.80 22.39 41.62
N GLU E 201 27.29 23.39 40.89
CA GLU E 201 25.94 23.87 41.09
C GLU E 201 25.23 23.93 39.75
N ALA E 202 23.97 23.47 39.74
CA ALA E 202 23.14 23.46 38.53
C ALA E 202 21.89 24.29 38.81
N THR E 203 21.70 25.36 38.04
CA THR E 203 20.52 26.20 38.14
C THR E 203 19.63 25.94 36.94
N HIS E 204 18.39 25.54 37.21
CA HIS E 204 17.42 25.17 36.19
C HIS E 204 16.19 26.05 36.31
N LYS E 205 15.42 26.12 35.22
CA LYS E 205 14.23 26.93 35.15
C LYS E 205 13.07 26.38 35.97
N THR E 206 13.19 25.16 36.51
CA THR E 206 12.11 24.53 37.24
C THR E 206 12.20 24.70 38.74
N SER E 207 13.22 25.41 39.25
CA SER E 207 13.41 25.53 40.68
C SER E 207 14.00 26.88 41.02
N THR E 208 13.69 27.36 42.22
CA THR E 208 14.32 28.53 42.81
C THR E 208 15.49 28.15 43.72
N SER E 209 15.78 26.85 43.85
CA SER E 209 16.88 26.37 44.67
C SER E 209 17.78 25.48 43.82
N PRO E 210 18.91 26.01 43.34
CA PRO E 210 19.77 25.21 42.46
C PRO E 210 20.31 23.97 43.17
N ILE E 211 20.52 22.92 42.38
CA ILE E 211 21.03 21.66 42.91
C ILE E 211 22.54 21.80 43.12
N VAL E 212 23.00 21.51 44.33
CA VAL E 212 24.40 21.66 44.71
C VAL E 212 24.94 20.30 45.09
N LYS E 213 26.05 19.90 44.48
CA LYS E 213 26.75 18.67 44.83
C LYS E 213 28.21 19.01 45.02
N SER E 214 28.90 18.25 45.88
CA SER E 214 30.27 18.60 46.21
C SER E 214 31.00 17.39 46.78
N PHE E 215 32.32 17.50 46.83
CA PHE E 215 33.15 16.49 47.46
C PHE E 215 34.43 17.14 47.99
N ASN E 216 35.17 16.37 48.77
CA ASN E 216 36.43 16.81 49.36
C ASN E 216 37.55 15.91 48.87
N ARG E 217 38.74 16.51 48.69
CA ARG E 217 39.88 15.78 48.16
C ARG E 217 40.30 14.65 49.10
N ASN E 218 40.08 14.80 50.40
CA ASN E 218 40.52 13.83 51.39
C ASN E 218 39.48 12.76 51.69
N GLU E 219 38.36 12.74 50.96
CA GLU E 219 37.34 11.73 51.18
C GLU E 219 37.56 10.48 50.35
N CYS E 220 38.28 10.56 49.25
CA CYS E 220 38.53 9.40 48.40
C CYS E 220 39.96 9.41 47.85
N GLU F 1 19.55 -5.52 1.23
CA GLU F 1 19.52 -5.95 -0.16
C GLU F 1 20.63 -5.28 -0.97
N VAL F 2 20.53 -3.95 -1.12
CA VAL F 2 21.52 -3.16 -1.85
C VAL F 2 22.47 -2.55 -0.84
N GLN F 3 23.77 -2.74 -1.06
CA GLN F 3 24.79 -2.28 -0.13
C GLN F 3 25.80 -1.39 -0.85
N LEU F 4 26.19 -0.30 -0.16
CA LEU F 4 27.24 0.61 -0.61
C LEU F 4 28.27 0.73 0.52
N GLN F 5 29.23 -0.18 0.54
CA GLN F 5 30.23 -0.21 1.59
C GLN F 5 31.33 0.81 1.29
N GLN F 6 31.75 1.53 2.32
CA GLN F 6 32.78 2.56 2.20
C GLN F 6 34.13 2.02 2.65
N SER F 7 35.19 2.75 2.27
CA SER F 7 36.55 2.34 2.57
C SER F 7 37.00 2.71 3.99
N GLY F 8 36.41 3.74 4.59
CA GLY F 8 36.79 4.16 5.93
C GLY F 8 37.47 5.51 5.96
N PRO F 9 37.67 6.05 7.16
CA PRO F 9 38.20 7.40 7.29
C PRO F 9 39.67 7.50 6.93
N GLU F 10 40.10 8.72 6.60
CA GLU F 10 41.51 8.95 6.32
C GLU F 10 41.87 10.41 6.58
N LEU F 11 43.13 10.61 6.94
CA LEU F 11 43.69 11.91 7.29
C LEU F 11 44.88 12.22 6.39
N VAL F 12 44.88 13.40 5.78
CA VAL F 12 45.96 13.83 4.90
C VAL F 12 46.29 15.29 5.17
N LYS F 13 47.44 15.73 4.64
CA LYS F 13 47.93 17.09 4.72
C LYS F 13 47.37 17.93 3.57
N PRO F 14 47.36 19.25 3.71
CA PRO F 14 46.88 20.10 2.61
C PRO F 14 47.68 19.88 1.34
N GLY F 15 46.98 19.89 0.21
CA GLY F 15 47.58 19.65 -1.08
C GLY F 15 47.61 18.20 -1.51
N ALA F 16 47.28 17.28 -0.63
CA ALA F 16 47.33 15.87 -0.97
C ALA F 16 46.11 15.47 -1.79
N SER F 17 46.17 14.27 -2.35
CA SER F 17 45.08 13.70 -3.13
C SER F 17 44.73 12.35 -2.54
N MET F 18 43.50 11.91 -2.79
CA MET F 18 43.13 10.58 -2.31
C MET F 18 42.03 9.99 -3.19
N LYS F 19 41.73 8.73 -2.94
CA LYS F 19 40.71 8.01 -3.69
C LYS F 19 39.72 7.38 -2.72
N ILE F 20 38.47 7.82 -2.80
CA ILE F 20 37.37 7.22 -2.06
C ILE F 20 36.81 6.09 -2.91
N SER F 21 36.82 4.88 -2.35
CA SER F 21 36.39 3.66 -3.02
C SER F 21 35.10 3.16 -2.39
N CYS F 22 34.06 3.02 -3.20
CA CYS F 22 32.78 2.51 -2.75
C CYS F 22 32.50 1.18 -3.45
N LYS F 23 32.24 0.15 -2.65
CA LYS F 23 31.99 -1.20 -3.16
C LYS F 23 30.52 -1.54 -2.98
N THR F 24 29.85 -1.87 -4.08
CA THR F 24 28.41 -2.09 -4.07
C THR F 24 28.11 -3.58 -4.16
N SER F 25 26.90 -3.93 -3.73
CA SER F 25 26.46 -5.32 -3.84
C SER F 25 24.93 -5.37 -3.80
N GLY F 26 24.39 -6.51 -4.22
CA GLY F 26 22.98 -6.76 -4.21
C GLY F 26 22.28 -6.65 -5.56
N TYR F 27 22.97 -6.14 -6.58
CA TYR F 27 22.35 -5.88 -7.87
C TYR F 27 23.44 -5.86 -8.95
N SER F 28 22.99 -5.93 -10.21
CA SER F 28 23.92 -5.82 -11.33
C SER F 28 24.56 -4.44 -11.33
N PHE F 29 25.90 -4.41 -11.38
CA PHE F 29 26.62 -3.19 -11.10
C PHE F 29 26.24 -2.07 -12.07
N THR F 30 26.14 -2.39 -13.35
CA THR F 30 25.76 -1.39 -14.34
C THR F 30 24.25 -1.31 -14.45
N GLY F 31 23.78 -0.22 -15.05
CA GLY F 31 22.36 0.03 -15.22
C GLY F 31 21.80 1.12 -14.34
N TYR F 32 22.42 1.42 -13.20
CA TYR F 32 21.98 2.50 -12.34
C TYR F 32 23.08 3.54 -12.23
N THR F 33 22.66 4.81 -12.14
CA THR F 33 23.57 5.94 -12.08
C THR F 33 24.14 6.09 -10.68
N MET F 34 25.23 6.85 -10.58
CA MET F 34 25.93 7.07 -9.32
C MET F 34 26.01 8.57 -9.05
N ASN F 35 25.72 8.97 -7.81
CA ASN F 35 25.78 10.37 -7.39
C ASN F 35 26.66 10.48 -6.16
N TRP F 36 27.34 11.61 -6.04
CA TRP F 36 28.23 11.84 -4.90
C TRP F 36 27.79 13.07 -4.12
N VAL F 37 27.91 13.01 -2.79
CA VAL F 37 27.57 14.14 -1.93
C VAL F 37 28.67 14.38 -0.92
N LYS F 38 28.78 15.63 -0.47
CA LYS F 38 29.88 16.09 0.38
C LYS F 38 29.49 16.30 1.83
N GLN F 39 28.37 16.99 2.09
CA GLN F 39 27.92 17.30 3.45
C GLN F 39 29.03 17.92 4.28
N SER F 40 29.44 19.13 3.94
CA SER F 40 30.55 19.79 4.63
C SER F 40 30.21 20.01 6.10
N HIS F 41 31.18 20.55 6.83
CA HIS F 41 31.01 20.78 8.27
C HIS F 41 29.74 21.56 8.54
N GLY F 42 28.97 21.08 9.51
CA GLY F 42 27.62 21.53 9.70
C GLY F 42 26.62 20.53 9.18
N LYS F 43 25.45 21.05 8.81
CA LYS F 43 24.37 20.24 8.25
C LYS F 43 23.88 20.90 6.96
N ASN F 44 24.56 20.60 5.85
CA ASN F 44 24.23 21.19 4.56
C ASN F 44 24.52 20.19 3.46
N LEU F 45 23.47 19.67 2.82
CA LEU F 45 23.64 18.73 1.74
C LEU F 45 24.05 19.47 0.46
N GLU F 46 24.77 18.76 -0.41
CA GLU F 46 25.28 19.36 -1.63
C GLU F 46 25.45 18.28 -2.69
N TRP F 47 25.49 18.70 -3.94
CA TRP F 47 25.60 17.80 -5.09
C TRP F 47 26.97 17.97 -5.72
N ILE F 48 27.72 16.88 -5.84
CA ILE F 48 29.04 16.93 -6.48
C ILE F 48 28.96 16.54 -7.94
N GLY F 49 28.42 15.36 -8.23
CA GLY F 49 28.39 14.89 -9.60
C GLY F 49 27.66 13.58 -9.73
N LEU F 50 27.52 13.17 -10.99
CA LEU F 50 26.70 12.06 -11.44
C LEU F 50 27.40 11.35 -12.59
N ILE F 51 27.49 10.02 -12.53
CA ILE F 51 28.17 9.25 -13.58
C ILE F 51 27.42 7.95 -13.88
N ASN F 52 27.65 7.45 -15.08
CA ASN F 52 27.05 6.21 -15.59
C ASN F 52 28.09 5.11 -15.60
N PRO F 53 27.92 4.04 -14.82
CA PRO F 53 28.99 3.01 -14.74
C PRO F 53 29.19 2.27 -16.05
N TYR F 54 28.25 2.39 -16.98
CA TYR F 54 28.25 1.53 -18.16
C TYR F 54 29.10 2.10 -19.28
N ASN F 55 29.09 3.42 -19.47
CA ASN F 55 29.83 4.01 -20.58
C ASN F 55 30.53 5.32 -20.23
N GLY F 56 30.50 5.78 -18.98
CA GLY F 56 31.08 7.07 -18.65
C GLY F 56 30.06 8.18 -18.65
N ASP F 57 30.22 9.15 -19.56
CA ASP F 57 29.26 10.24 -19.74
C ASP F 57 29.01 10.96 -18.41
N THR F 58 30.08 11.54 -17.88
CA THR F 58 30.05 12.21 -16.59
C THR F 58 29.47 13.63 -16.72
N SER F 59 28.93 14.13 -15.62
CA SER F 59 28.39 15.48 -15.55
C SER F 59 28.75 16.09 -14.20
N TYR F 60 29.28 17.32 -14.23
CA TYR F 60 29.65 18.06 -13.04
C TYR F 60 28.91 19.39 -12.99
N ASN F 61 28.93 20.04 -11.83
CA ASN F 61 28.52 21.43 -11.75
C ASN F 61 29.72 22.34 -12.00
N GLN F 62 29.49 23.65 -12.00
CA GLN F 62 30.54 24.59 -12.35
C GLN F 62 31.42 24.98 -11.16
N LYS F 63 31.15 24.46 -9.96
CA LYS F 63 31.96 24.79 -8.79
C LYS F 63 32.94 23.69 -8.40
N PHE F 64 32.57 22.42 -8.59
CA PHE F 64 33.44 21.31 -8.25
C PHE F 64 34.26 20.82 -9.43
N LYS F 65 34.13 21.45 -10.60
CA LYS F 65 34.89 21.01 -11.76
C LYS F 65 36.38 21.27 -11.56
N GLY F 66 37.19 20.25 -11.84
CA GLY F 66 38.61 20.32 -11.64
C GLY F 66 39.05 20.00 -10.22
N LYS F 67 38.12 19.81 -9.30
CA LYS F 67 38.44 19.45 -7.92
C LYS F 67 38.25 17.97 -7.64
N ALA F 68 37.63 17.22 -8.54
CA ALA F 68 37.39 15.80 -8.31
C ALA F 68 37.29 15.08 -9.64
N THR F 69 37.68 13.81 -9.64
CA THR F 69 37.56 12.94 -10.80
C THR F 69 36.78 11.69 -10.43
N LEU F 70 35.72 11.40 -11.18
CA LEU F 70 34.83 10.29 -10.86
C LEU F 70 35.03 9.18 -11.88
N THR F 71 35.29 7.96 -11.39
CA THR F 71 35.60 6.84 -12.28
C THR F 71 35.00 5.56 -11.72
N VAL F 72 35.13 4.49 -12.49
CA VAL F 72 34.46 3.22 -12.19
C VAL F 72 35.36 2.05 -12.55
N ASP F 73 35.32 1.01 -11.71
CA ASP F 73 35.94 -0.29 -12.03
C ASP F 73 34.82 -1.32 -12.06
N LYS F 74 34.55 -1.85 -13.25
CA LYS F 74 33.49 -2.84 -13.43
C LYS F 74 33.89 -4.22 -12.92
N SER F 75 35.19 -4.50 -12.82
CA SER F 75 35.66 -5.82 -12.46
C SER F 75 35.46 -6.13 -10.97
N SER F 76 35.42 -5.11 -10.13
CA SER F 76 35.20 -5.28 -8.70
C SER F 76 33.89 -4.69 -8.22
N SER F 77 33.05 -4.20 -9.14
CA SER F 77 31.81 -3.50 -8.81
C SER F 77 32.09 -2.31 -7.89
N THR F 78 33.03 -1.46 -8.30
CA THR F 78 33.47 -0.36 -7.45
C THR F 78 33.41 0.97 -8.19
N ALA F 79 33.18 2.03 -7.41
CA ALA F 79 33.19 3.39 -7.94
C ALA F 79 34.16 4.24 -7.11
N TYR F 80 34.84 5.15 -7.79
CA TYR F 80 35.93 5.91 -7.17
C TYR F 80 35.74 7.40 -7.38
N MET F 81 36.07 8.16 -6.34
CA MET F 81 36.17 9.61 -6.43
C MET F 81 37.58 10.02 -6.03
N GLU F 82 38.29 10.67 -6.93
CA GLU F 82 39.64 11.14 -6.69
C GLU F 82 39.57 12.61 -6.28
N LEU F 83 39.97 12.87 -5.04
CA LEU F 83 40.03 14.22 -4.48
C LEU F 83 41.41 14.80 -4.78
N LEU F 84 41.41 15.98 -5.39
CA LEU F 84 42.62 16.66 -5.85
C LEU F 84 42.85 17.94 -5.07
N SER F 85 44.10 18.18 -4.68
CA SER F 85 44.52 19.44 -4.07
C SER F 85 43.64 19.80 -2.86
N LEU F 86 43.54 18.86 -1.94
CA LEU F 86 42.68 19.03 -0.77
C LEU F 86 43.17 20.18 0.10
N THR F 87 42.24 20.98 0.59
CA THR F 87 42.52 22.12 1.46
C THR F 87 41.69 21.98 2.74
N SER F 88 41.76 22.99 3.60
CA SER F 88 41.08 22.96 4.90
C SER F 88 39.56 22.94 4.77
N GLU F 89 39.01 23.40 3.65
CA GLU F 89 37.57 23.41 3.45
C GLU F 89 37.04 22.13 2.86
N ASP F 90 37.90 21.14 2.63
CA ASP F 90 37.49 19.88 2.02
C ASP F 90 37.18 18.79 3.03
N SER F 91 37.53 18.98 4.31
CA SER F 91 37.25 17.98 5.32
C SER F 91 35.75 17.79 5.47
N ALA F 92 35.28 16.56 5.28
CA ALA F 92 33.83 16.35 5.24
C ALA F 92 33.51 14.86 5.28
N VAL F 93 32.22 14.56 5.20
CA VAL F 93 31.72 13.19 5.17
C VAL F 93 31.17 12.94 3.77
N TYR F 94 32.00 12.37 2.89
CA TYR F 94 31.60 12.15 1.51
C TYR F 94 30.95 10.79 1.37
N TYR F 95 29.91 10.69 0.56
CA TYR F 95 29.37 9.36 0.30
C TYR F 95 28.57 9.32 -0.99
N CYS F 96 28.29 8.08 -1.40
CA CYS F 96 27.65 7.75 -2.67
C CYS F 96 26.17 7.47 -2.47
N GLU F 97 25.41 7.69 -3.52
CA GLU F 97 23.99 7.36 -3.55
C GLU F 97 23.64 6.96 -4.97
N VAL F 98 22.52 6.24 -5.11
CA VAL F 98 22.18 5.71 -6.42
C VAL F 98 20.98 6.43 -7.02
N ILE F 99 19.82 6.29 -6.40
CA ILE F 99 18.59 6.85 -6.95
C ILE F 99 17.84 7.67 -5.91
N ASN F 100 18.58 8.31 -5.01
CA ASN F 100 18.01 9.08 -3.90
C ASN F 100 17.27 8.16 -2.93
N THR F 101 17.66 6.89 -2.87
CA THR F 101 17.02 5.96 -1.94
C THR F 101 18.05 5.23 -1.09
N TYR F 102 19.20 4.90 -1.68
CA TYR F 102 20.24 4.11 -1.01
C TYR F 102 21.51 4.94 -0.90
N TRP F 103 22.07 4.98 0.31
CA TRP F 103 23.25 5.77 0.61
C TRP F 103 24.32 4.88 1.24
N GLY F 104 25.57 5.28 1.04
CA GLY F 104 26.67 4.68 1.77
C GLY F 104 26.69 5.17 3.21
N GLN F 105 27.57 4.56 4.00
CA GLN F 105 27.65 4.87 5.41
C GLN F 105 28.50 6.10 5.71
N GLY F 106 29.26 6.60 4.74
CA GLY F 106 30.02 7.81 4.94
C GLY F 106 31.51 7.60 5.12
N THR F 107 32.31 8.28 4.30
CA THR F 107 33.76 8.26 4.41
C THR F 107 34.20 9.61 4.96
N LEU F 108 34.89 9.59 6.10
CA LEU F 108 35.35 10.80 6.77
C LEU F 108 36.72 11.19 6.24
N VAL F 109 36.80 12.35 5.61
CA VAL F 109 38.03 12.87 5.04
C VAL F 109 38.47 14.05 5.89
N THR F 110 39.64 13.92 6.53
CA THR F 110 40.20 14.99 7.35
C THR F 110 41.47 15.51 6.66
N VAL F 111 41.53 16.83 6.50
CA VAL F 111 42.67 17.49 5.84
C VAL F 111 43.33 18.37 6.88
N SER F 112 44.45 17.90 7.45
CA SER F 112 45.17 18.66 8.45
C SER F 112 46.56 18.10 8.62
N ALA F 113 47.52 18.97 8.90
CA ALA F 113 48.89 18.58 9.22
C ALA F 113 48.98 18.29 10.73
N ALA F 114 48.36 17.18 11.12
CA ALA F 114 48.24 16.81 12.53
C ALA F 114 48.66 15.37 12.70
N LYS F 115 49.04 15.04 13.93
CA LYS F 115 49.56 13.72 14.28
C LYS F 115 48.48 12.86 14.91
N THR F 116 48.40 11.61 14.49
CA THR F 116 47.48 10.66 15.09
C THR F 116 47.99 10.23 16.46
N THR F 117 47.09 10.27 17.45
CA THR F 117 47.45 9.99 18.84
C THR F 117 46.46 9.00 19.45
N PRO F 118 46.94 8.02 20.20
CA PRO F 118 46.04 7.06 20.84
C PRO F 118 45.34 7.67 22.02
N PRO F 119 44.19 7.12 22.42
CA PRO F 119 43.47 7.69 23.57
C PRO F 119 44.06 7.26 24.91
N SER F 120 43.80 8.07 25.92
CA SER F 120 44.10 7.75 27.31
C SER F 120 42.79 7.54 28.05
N VAL F 121 42.65 6.40 28.70
CA VAL F 121 41.40 5.98 29.31
C VAL F 121 41.50 6.16 30.81
N TYR F 122 40.57 6.93 31.39
CA TYR F 122 40.50 7.15 32.83
C TYR F 122 39.09 6.81 33.29
N PRO F 123 38.92 5.68 34.00
CA PRO F 123 37.58 5.30 34.44
C PRO F 123 37.09 6.20 35.57
N LEU F 124 35.78 6.37 35.64
CA LEU F 124 35.15 7.21 36.64
C LEU F 124 34.21 6.36 37.49
N ALA F 125 34.47 6.34 38.80
CA ALA F 125 33.69 5.59 39.76
C ALA F 125 33.25 6.52 40.88
N PRO F 126 32.07 6.29 41.45
CA PRO F 126 31.55 7.17 42.52
C PRO F 126 32.21 6.88 43.87
N GLY F 127 33.51 7.14 43.96
CA GLY F 127 34.25 6.90 45.19
C GLY F 127 33.77 7.74 46.35
N SER F 128 33.47 7.08 47.47
CA SER F 128 32.99 7.75 48.69
C SER F 128 31.74 8.59 48.43
N ALA F 129 30.93 8.16 47.46
CA ALA F 129 29.69 8.86 47.17
C ALA F 129 28.69 8.71 48.31
N ALA F 130 28.72 7.58 49.02
CA ALA F 130 27.87 7.33 50.17
C ALA F 130 26.39 7.51 49.82
N GLN F 131 26.01 6.95 48.67
CA GLN F 131 24.64 7.05 48.20
C GLN F 131 23.80 5.88 48.73
N THR F 132 22.57 6.19 49.13
CA THR F 132 21.64 5.19 49.62
C THR F 132 20.48 4.93 48.66
N ASN F 133 20.48 5.57 47.50
CA ASN F 133 19.44 5.36 46.50
C ASN F 133 19.72 4.10 45.70
N SER F 134 18.68 3.58 45.04
CA SER F 134 18.79 2.31 44.34
C SER F 134 19.25 2.52 42.89
N MET F 135 20.28 3.36 42.75
CA MET F 135 20.92 3.66 41.47
C MET F 135 22.38 3.95 41.74
N VAL F 136 23.25 3.59 40.80
CA VAL F 136 24.67 3.94 40.85
C VAL F 136 25.11 4.34 39.45
N THR F 137 25.84 5.46 39.36
CA THR F 137 26.30 6.01 38.09
C THR F 137 27.81 5.89 38.00
N LEU F 138 28.29 5.35 36.89
CA LEU F 138 29.72 5.24 36.62
C LEU F 138 29.99 5.75 35.20
N GLY F 139 31.25 5.86 34.83
CA GLY F 139 31.54 6.39 33.52
C GLY F 139 33.00 6.24 33.14
N CYS F 140 33.37 6.95 32.08
CA CYS F 140 34.75 6.89 31.61
C CYS F 140 35.10 8.15 30.83
N LEU F 141 36.32 8.65 31.04
CA LEU F 141 36.84 9.81 30.32
C LEU F 141 37.92 9.33 29.36
N VAL F 142 37.74 9.60 28.07
CA VAL F 142 38.66 9.16 27.03
C VAL F 142 39.29 10.40 26.42
N LYS F 143 40.54 10.68 26.76
CA LYS F 143 41.14 11.97 26.45
C LYS F 143 42.35 11.82 25.55
N GLY F 144 42.54 12.80 24.66
CA GLY F 144 43.81 12.93 23.97
C GLY F 144 43.98 12.12 22.72
N TYR F 145 42.89 11.75 22.06
CA TYR F 145 42.96 10.99 20.82
C TYR F 145 42.72 11.89 19.62
N PHE F 146 43.25 11.47 18.47
CA PHE F 146 43.05 12.16 17.20
C PHE F 146 43.42 11.20 16.09
N PRO F 147 42.68 11.19 14.98
CA PRO F 147 41.48 11.96 14.69
C PRO F 147 40.20 11.22 15.03
N GLU F 148 39.04 11.81 14.76
CA GLU F 148 37.79 11.11 14.91
C GLU F 148 37.67 10.04 13.83
N PRO F 149 36.85 9.01 14.07
CA PRO F 149 36.03 8.73 15.26
C PRO F 149 36.72 7.83 16.28
N VAL F 150 36.13 7.74 17.47
CA VAL F 150 36.49 6.75 18.47
C VAL F 150 35.21 6.05 18.90
N THR F 151 35.28 4.74 19.07
CA THR F 151 34.12 3.97 19.50
C THR F 151 34.29 3.58 20.96
N VAL F 152 33.40 4.09 21.81
CA VAL F 152 33.43 3.80 23.23
C VAL F 152 32.12 3.12 23.61
N THR F 153 32.21 1.91 24.15
CA THR F 153 31.03 1.16 24.55
C THR F 153 31.31 0.50 25.90
N TRP F 154 30.30 -0.19 26.43
CA TRP F 154 30.38 -0.83 27.73
C TRP F 154 30.09 -2.32 27.59
N ASN F 155 30.93 -3.13 28.25
CA ASN F 155 30.79 -4.59 28.25
C ASN F 155 30.76 -5.15 26.82
N SER F 156 31.63 -4.60 25.97
CA SER F 156 31.76 -5.05 24.58
C SER F 156 30.43 -4.94 23.83
N GLY F 157 29.66 -3.90 24.12
CA GLY F 157 28.38 -3.68 23.49
C GLY F 157 27.20 -4.30 24.20
N SER F 158 27.44 -5.13 25.23
CA SER F 158 26.34 -5.73 25.98
C SER F 158 25.54 -4.67 26.73
N LEU F 159 26.23 -3.68 27.31
CA LEU F 159 25.60 -2.65 28.12
C LEU F 159 25.38 -1.42 27.23
N SER F 160 24.13 -1.19 26.85
CA SER F 160 23.76 -0.04 26.03
C SER F 160 22.64 0.79 26.65
N SER F 161 21.69 0.15 27.33
CA SER F 161 20.61 0.89 27.97
C SER F 161 21.14 1.71 29.14
N GLY F 162 20.66 2.93 29.28
CA GLY F 162 21.11 3.81 30.33
C GLY F 162 22.44 4.47 30.07
N VAL F 163 22.97 4.38 28.84
CA VAL F 163 24.27 4.95 28.50
C VAL F 163 24.04 6.28 27.80
N HIS F 164 24.64 7.33 28.36
CA HIS F 164 24.64 8.66 27.74
C HIS F 164 26.03 8.93 27.19
N THR F 165 26.10 9.17 25.88
CA THR F 165 27.34 9.46 25.19
C THR F 165 27.31 10.91 24.71
N PHE F 166 28.43 11.60 24.89
CA PHE F 166 28.46 13.01 24.57
C PHE F 166 29.42 13.29 23.43
N PRO F 167 29.13 14.29 22.61
CA PRO F 167 30.06 14.67 21.54
C PRO F 167 31.41 15.07 22.11
N ALA F 168 32.46 14.74 21.39
CA ALA F 168 33.81 15.02 21.86
C ALA F 168 34.10 16.51 21.81
N VAL F 169 34.86 16.98 22.80
CA VAL F 169 35.31 18.37 22.87
C VAL F 169 36.72 18.44 22.32
N LEU F 170 36.96 19.39 21.42
CA LEU F 170 38.26 19.54 20.77
C LEU F 170 39.07 20.60 21.49
N GLN F 171 40.20 20.20 22.06
CA GLN F 171 41.11 21.09 22.77
C GLN F 171 42.53 20.79 22.33
N SER F 172 43.25 21.82 21.90
CA SER F 172 44.64 21.69 21.48
C SER F 172 44.81 20.63 20.40
N ASP F 173 43.85 20.57 19.48
CA ASP F 173 43.79 19.64 18.35
C ASP F 173 43.57 18.19 18.78
N LEU F 174 43.26 17.95 20.05
CA LEU F 174 42.98 16.61 20.54
C LEU F 174 41.56 16.53 21.05
N TYR F 175 40.94 15.36 20.89
CA TYR F 175 39.55 15.18 21.26
C TYR F 175 39.41 14.53 22.63
N THR F 176 38.35 14.89 23.33
CA THR F 176 38.01 14.30 24.62
C THR F 176 36.56 13.86 24.59
N LEU F 177 36.32 12.57 24.87
CA LEU F 177 34.99 11.99 24.89
C LEU F 177 34.61 11.65 26.33
N SER F 178 33.35 11.91 26.65
CA SER F 178 32.79 11.64 27.96
C SER F 178 31.60 10.70 27.80
N SER F 179 31.49 9.72 28.69
CA SER F 179 30.43 8.73 28.61
C SER F 179 30.05 8.28 30.01
N SER F 180 28.75 8.15 30.25
CA SER F 180 28.27 7.83 31.60
C SER F 180 27.09 6.86 31.53
N VAL F 181 27.14 5.83 32.35
CA VAL F 181 26.08 4.81 32.40
C VAL F 181 25.60 4.67 33.83
N THR F 182 24.27 4.59 34.00
CA THR F 182 23.64 4.41 35.29
C THR F 182 23.01 3.02 35.35
N VAL F 183 23.33 2.28 36.40
CA VAL F 183 22.88 0.89 36.56
C VAL F 183 22.30 0.72 37.95
N PRO F 184 21.50 -0.32 38.17
CA PRO F 184 20.99 -0.58 39.53
C PRO F 184 22.12 -0.78 40.53
N SER F 185 21.88 -0.36 41.76
CA SER F 185 22.88 -0.52 42.81
C SER F 185 23.16 -1.98 43.12
N SER F 186 22.24 -2.88 42.79
CA SER F 186 22.47 -4.31 42.97
C SER F 186 23.54 -4.84 42.02
N THR F 187 23.89 -4.09 40.98
CA THR F 187 24.94 -4.50 40.06
C THR F 187 26.32 -4.45 40.69
N TRP F 188 26.51 -3.65 41.74
CA TRP F 188 27.84 -3.44 42.28
C TRP F 188 27.93 -3.88 43.73
N PRO F 189 29.09 -4.42 44.13
CA PRO F 189 30.29 -4.68 43.33
C PRO F 189 30.27 -6.06 42.70
N SER F 190 29.10 -6.71 42.68
CA SER F 190 29.01 -8.11 42.28
C SER F 190 29.36 -8.30 40.80
N GLU F 191 28.87 -7.43 39.94
CA GLU F 191 29.01 -7.63 38.51
C GLU F 191 30.27 -6.94 37.98
N THR F 192 30.75 -7.44 36.83
CA THR F 192 31.93 -6.89 36.17
C THR F 192 31.49 -5.92 35.08
N VAL F 193 31.95 -4.69 35.17
CA VAL F 193 31.64 -3.65 34.20
C VAL F 193 32.94 -3.12 33.63
N THR F 194 33.06 -3.13 32.30
CA THR F 194 34.27 -2.68 31.62
C THR F 194 33.92 -1.67 30.55
N CYS F 195 34.83 -0.73 30.34
CA CYS F 195 34.75 0.23 29.26
C CYS F 195 35.67 -0.24 28.13
N ASN F 196 35.12 -0.30 26.92
CA ASN F 196 35.85 -0.73 25.73
C ASN F 196 36.02 0.49 24.81
N VAL F 197 37.28 0.85 24.54
CA VAL F 197 37.62 2.00 23.73
C VAL F 197 38.39 1.51 22.52
N ALA F 198 37.92 1.88 21.32
CA ALA F 198 38.54 1.48 20.08
C ALA F 198 38.85 2.71 19.25
N HIS F 199 40.11 2.85 18.85
CA HIS F 199 40.58 3.92 17.98
C HIS F 199 41.34 3.26 16.83
N PRO F 200 40.65 2.92 15.74
CA PRO F 200 41.33 2.29 14.60
C PRO F 200 42.41 3.16 13.98
N ALA F 201 42.24 4.48 13.99
CA ALA F 201 43.21 5.36 13.34
C ALA F 201 44.60 5.24 13.96
N SER F 202 44.68 4.91 15.26
CA SER F 202 45.94 4.67 15.93
C SER F 202 46.14 3.20 16.26
N SER F 203 45.24 2.32 15.79
CA SER F 203 45.30 0.89 16.07
C SER F 203 45.37 0.63 17.56
N THR F 204 44.53 1.31 18.33
CA THR F 204 44.56 1.24 19.79
C THR F 204 43.25 0.70 20.33
N LYS F 205 43.31 -0.45 20.99
CA LYS F 205 42.16 -1.07 21.65
C LYS F 205 42.44 -1.18 23.14
N VAL F 206 41.51 -0.70 23.96
CA VAL F 206 41.68 -0.71 25.41
C VAL F 206 40.40 -1.25 26.06
N ASP F 207 40.57 -2.07 27.08
CA ASP F 207 39.46 -2.61 27.87
C ASP F 207 39.81 -2.45 29.34
N LYS F 208 39.05 -1.62 30.05
CA LYS F 208 39.37 -1.30 31.44
C LYS F 208 38.19 -1.64 32.35
N LYS F 209 38.46 -2.38 33.41
CA LYS F 209 37.45 -2.74 34.39
C LYS F 209 37.42 -1.71 35.52
N ILE F 210 36.21 -1.37 35.96
CA ILE F 210 36.00 -0.39 37.02
C ILE F 210 35.76 -1.13 38.33
N VAL F 211 36.44 -0.69 39.38
CA VAL F 211 36.31 -1.31 40.70
C VAL F 211 36.03 -0.21 41.71
N PRO F 212 35.37 -0.55 42.83
CA PRO F 212 35.16 0.43 43.89
C PRO F 212 36.48 0.96 44.43
N ARG F 213 36.55 2.26 44.64
CA ARG F 213 37.76 2.92 45.14
C ARG F 213 37.41 4.08 46.04
N1 A1AE8 G . 10.22 12.48 -37.36
N3 A1AE8 G . 13.05 10.89 -40.16
C4 A1AE8 G . 12.17 11.97 -36.71
C5 A1AE8 G . 12.13 11.69 -38.09
C6 A1AE8 G . 13.27 11.16 -38.84
C7 A1AE8 G . 13.93 10.27 -41.08
C8 A1AE8 G . 13.49 10.08 -42.39
C10 A1AE8 G . 15.58 9.06 -42.98
C13 A1AE8 G . 15.20 9.85 -40.73
C15 A1AE8 G . 10.10 12.01 -39.72
C17 A1AE8 G . 7.74 11.57 -41.58
C20 A1AE8 G . 7.10 14.01 -42.70
C21 A1AE8 G . 7.83 13.96 -41.53
C22 A1AE8 G . 5.87 12.89 -44.62
C24 A1AE8 G . 5.47 14.82 -46.20
C26 A1AE8 G . 7.24 15.86 -47.42
C28 A1AE8 G . 7.70 14.03 -45.94
C1 A1AE8 G . 6.77 13.13 -38.55
O1 A1AE8 G . 14.33 10.96 -38.26
C2 A1AE8 G . 8.27 13.37 -38.58
N2 A1AE8 G . 11.02 12.44 -36.27
O2 A1AE8 G . 10.53 11.46 -40.72
C3 A1AE8 G . 8.84 12.94 -37.23
N4 A1AE8 G . 18.41 8.50 -41.03
N5 A1AE8 G . 8.90 12.68 -39.73
C9 A1AE8 G . 14.31 9.49 -43.33
C11 A1AE8 G . 16.02 9.25 -41.69
C12 A1AE8 G . 17.35 8.83 -41.32
C14 A1AE8 G . 10.83 12.04 -38.49
C16 A1AE8 G . 8.15 12.73 -40.95
C18 A1AE8 G . 7.01 11.63 -42.76
C19 A1AE8 G . 6.68 12.84 -43.33
C23 A1AE8 G . 6.36 13.94 -45.59
C25 A1AE8 G . 5.91 15.77 -47.11
C27 A1AE8 G . 8.14 14.99 -46.85
F1 A1AE8 G . 4.56 13.12 -44.32
F2 A1AE8 G . 5.88 11.67 -45.22
N1 A1AE8 H . -7.90 -11.30 -38.15
N3 A1AE8 H . -10.18 -9.12 -41.08
C4 A1AE8 H . -9.77 -10.43 -37.62
C5 A1AE8 H . -9.54 -10.10 -38.98
C6 A1AE8 H . -10.48 -9.28 -39.77
C7 A1AE8 H . -10.99 -8.57 -42.10
C8 A1AE8 H . -10.43 -8.38 -43.37
C10 A1AE8 H . -12.50 -7.48 -44.19
C13 A1AE8 H . -12.32 -8.21 -41.90
C15 A1AE8 H . -7.48 -10.74 -40.46
C17 A1AE8 H . -4.95 -10.17 -42.09
C20 A1AE8 H . -3.74 -12.58 -42.65
C21 A1AE8 H . -4.66 -12.49 -41.62
C22 A1AE8 H . -2.41 -11.56 -44.54
C24 A1AE8 H . -2.38 -13.63 -45.97
C26 A1AE8 H . -3.59 -13.78 -48.03
C28 A1AE8 H . -3.67 -11.78 -46.72
C1 A1AE8 H . -5.04 -10.20 -38.31
O1 A1AE8 H . -11.49 -8.84 -39.24
C2 A1AE8 H . -5.64 -11.48 -38.91
N2 A1AE8 H . -8.79 -11.16 -37.13
O2 A1AE8 H . -7.86 -10.40 -41.57
C3 A1AE8 H . -6.68 -12.07 -37.97
N4 A1AE8 H . -15.54 -7.05 -42.53
N5 A1AE8 H . -6.21 -11.18 -40.23
C9 A1AE8 H . -11.17 -7.84 -44.40
C11 A1AE8 H . -13.06 -7.66 -42.94
C12 A1AE8 H . -14.44 -7.30 -42.71
C14 A1AE8 H . -8.30 -10.67 -39.31
C16 A1AE8 H . -5.27 -11.29 -41.32
C18 A1AE8 H . -4.03 -10.26 -43.12
C19 A1AE8 H . -3.43 -11.47 -43.42
C23 A1AE8 H . -2.84 -12.34 -45.76
C25 A1AE8 H . -2.75 -14.34 -47.09
C27 A1AE8 H . -4.04 -12.50 -47.84
F1 A1AE8 H . -1.25 -12.09 -44.06
F2 A1AE8 H . -2.06 -10.29 -44.92
#